data_4DQX
#
_entry.id   4DQX
#
_cell.length_a   81.245
_cell.length_b   64.595
_cell.length_c   113.353
_cell.angle_alpha   90.00
_cell.angle_beta   96.72
_cell.angle_gamma   90.00
#
_symmetry.space_group_name_H-M   'P 1 21 1'
#
loop_
_entity.id
_entity.type
_entity.pdbx_description
1 polymer 'Probable oxidoreductase protein'
2 water water
#
_entity_poly.entity_id   1
_entity_poly.type   'polypeptide(L)'
_entity_poly.pdbx_seq_one_letter_code
;(MSE)HHHHHHSSGVDLGTENLYFQS(MSE)DLNQRVCIVTGGGSGIGRATAELFAKNGAYVVVADVNEDAAVRVANEIG
SKAFGVRVDVSSAKDAES(MSE)VEKTTAKWGRVDVLVNNAGFGTTGNVVTIPEETWDRI(MSE)SVNVKGIFLCSKYVI
PV(MSE)RRNGGGSIINTTSYTATSAIADRTAYVASKGAISSLTRA(MSE)A(MSE)DHAKEGIRVNAVAPGTIDSPYFT
KIFAEAKDPAKLRSDFNARAV(MSE)DR(MSE)GTAEEIAEA(MSE)LFLASDRSRFATGSILTVDGGSSIGNHLVK
;
_entity_poly.pdbx_strand_id   A,B,C,D
#
# COMPACT_ATOMS: atom_id res chain seq x y z
N SER A 22 0.71 1.73 -34.98
CA SER A 22 0.51 2.94 -34.06
C SER A 22 1.79 3.78 -34.01
N MSE A 23 1.64 5.10 -33.84
CA MSE A 23 2.81 6.03 -33.77
C MSE A 23 2.78 6.90 -32.51
O MSE A 23 3.03 8.14 -32.57
CB MSE A 23 2.85 6.90 -35.02
CG MSE A 23 3.05 6.01 -36.29
SE MSE A 23 4.84 5.04 -36.27
CE MSE A 23 5.79 6.55 -37.20
N ASP A 24 2.54 6.25 -31.37
CA ASP A 24 2.43 6.96 -30.08
C ASP A 24 3.64 7.77 -29.66
N LEU A 25 4.82 7.46 -30.18
CA LEU A 25 5.99 8.27 -29.72
C LEU A 25 6.68 8.95 -30.93
N ASN A 26 5.92 9.32 -31.94
CA ASN A 26 6.47 9.73 -33.21
C ASN A 26 7.39 10.94 -33.08
N GLN A 27 8.65 10.77 -33.43
CA GLN A 27 9.66 11.81 -33.35
C GLN A 27 10.00 12.18 -31.92
N ARG A 28 9.53 11.41 -30.93
CA ARG A 28 9.93 11.75 -29.51
C ARG A 28 11.30 11.09 -29.25
N VAL A 29 12.16 11.74 -28.49
CA VAL A 29 13.48 11.22 -28.23
C VAL A 29 13.43 10.51 -26.88
N CYS A 30 13.79 9.21 -26.89
CA CYS A 30 13.59 8.30 -25.73
C CYS A 30 14.91 7.66 -25.37
N ILE A 31 15.37 7.80 -24.13
CA ILE A 31 16.52 7.14 -23.66
C ILE A 31 16.03 5.94 -22.87
N VAL A 32 16.53 4.77 -23.21
CA VAL A 32 16.28 3.52 -22.45
C VAL A 32 17.59 2.93 -21.90
N THR A 33 17.76 2.94 -20.56
CA THR A 33 18.93 2.39 -19.94
C THR A 33 18.65 0.90 -19.68
N GLY A 34 19.69 0.10 -19.64
CA GLY A 34 19.50 -1.36 -19.67
C GLY A 34 18.97 -1.78 -21.03
N GLY A 35 19.18 -0.94 -22.06
CA GLY A 35 18.49 -1.22 -23.33
C GLY A 35 19.02 -2.36 -24.19
N GLY A 36 20.13 -2.97 -23.78
CA GLY A 36 20.79 -4.07 -24.51
C GLY A 36 20.15 -5.45 -24.44
N SER A 37 19.23 -5.69 -23.50
CA SER A 37 18.69 -7.04 -23.36
C SER A 37 17.35 -6.97 -22.61
N GLY A 38 16.63 -8.10 -22.56
CA GLY A 38 15.39 -8.22 -21.73
C GLY A 38 14.42 -7.05 -21.89
N ILE A 39 13.94 -6.52 -20.77
CA ILE A 39 12.91 -5.48 -20.80
C ILE A 39 13.34 -4.24 -21.58
N GLY A 40 14.56 -3.79 -21.34
CA GLY A 40 15.02 -2.52 -21.93
C GLY A 40 15.05 -2.71 -23.45
N ARG A 41 15.56 -3.85 -23.92
CA ARG A 41 15.57 -4.12 -25.38
C ARG A 41 14.19 -4.06 -25.97
N ALA A 42 13.24 -4.76 -25.32
CA ALA A 42 11.92 -4.85 -25.90
C ALA A 42 11.24 -3.48 -25.82
N THR A 43 11.54 -2.70 -24.81
CA THR A 43 11.05 -1.36 -24.73
C THR A 43 11.67 -0.50 -25.84
N ALA A 44 12.99 -0.55 -25.99
CA ALA A 44 13.65 0.27 -27.04
C ALA A 44 13.03 -0.11 -28.40
N GLU A 45 12.90 -1.39 -28.70
CA GLU A 45 12.29 -1.77 -30.01
C GLU A 45 10.83 -1.31 -30.17
N LEU A 46 10.03 -1.48 -29.13
CA LEU A 46 8.62 -1.11 -29.24
C LEU A 46 8.52 0.41 -29.39
N PHE A 47 9.42 1.15 -28.73
CA PHE A 47 9.31 2.65 -28.79
C PHE A 47 9.63 3.04 -30.24
N ALA A 48 10.63 2.40 -30.80
CA ALA A 48 11.08 2.74 -32.17
C ALA A 48 9.99 2.37 -33.18
N LYS A 49 9.30 1.25 -32.93
CA LYS A 49 8.16 0.87 -33.76
C LYS A 49 7.07 1.92 -33.66
N ASN A 50 6.98 2.58 -32.50
CA ASN A 50 6.02 3.66 -32.34
C ASN A 50 6.58 5.04 -32.75
N GLY A 51 7.69 5.06 -33.51
CA GLY A 51 8.09 6.34 -34.22
C GLY A 51 9.19 7.06 -33.43
N ALA A 52 9.63 6.49 -32.30
CA ALA A 52 10.63 7.24 -31.50
C ALA A 52 12.03 7.25 -32.10
N TYR A 53 12.81 8.24 -31.70
CA TYR A 53 14.27 8.20 -31.81
C TYR A 53 14.68 7.56 -30.50
N VAL A 54 15.53 6.53 -30.52
CA VAL A 54 15.84 5.84 -29.28
C VAL A 54 17.33 5.84 -28.99
N VAL A 55 17.71 6.21 -27.75
CA VAL A 55 19.09 5.98 -27.31
C VAL A 55 19.11 4.66 -26.54
N VAL A 56 19.87 3.70 -27.04
CA VAL A 56 19.94 2.38 -26.38
C VAL A 56 21.17 2.42 -25.48
N ALA A 57 20.99 2.59 -24.16
CA ALA A 57 22.09 2.70 -23.24
C ALA A 57 22.25 1.42 -22.40
N ASP A 58 23.47 0.92 -22.33
CA ASP A 58 23.65 -0.36 -21.61
C ASP A 58 25.07 -0.44 -21.06
N VAL A 59 25.21 -1.12 -19.93
CA VAL A 59 26.53 -1.29 -19.36
C VAL A 59 27.41 -2.07 -20.35
N ASN A 60 26.80 -2.89 -21.23
CA ASN A 60 27.54 -3.68 -22.20
C ASN A 60 27.43 -3.01 -23.56
N GLU A 61 28.50 -2.36 -24.00
CA GLU A 61 28.45 -1.60 -25.23
C GLU A 61 28.03 -2.45 -26.43
N ASP A 62 28.50 -3.70 -26.56
CA ASP A 62 28.19 -4.49 -27.77
C ASP A 62 26.69 -4.79 -27.85
N ALA A 63 26.09 -5.08 -26.70
CA ALA A 63 24.65 -5.32 -26.59
C ALA A 63 23.87 -4.05 -26.99
N ALA A 64 24.23 -2.89 -26.45
CA ALA A 64 23.55 -1.65 -26.85
C ALA A 64 23.64 -1.42 -28.38
N VAL A 65 24.83 -1.59 -28.96
CA VAL A 65 25.06 -1.39 -30.41
C VAL A 65 24.26 -2.41 -31.26
N ARG A 66 24.27 -3.66 -30.81
CA ARG A 66 23.54 -4.67 -31.50
C ARG A 66 22.06 -4.24 -31.61
N VAL A 67 21.49 -3.79 -30.51
CA VAL A 67 20.04 -3.53 -30.50
C VAL A 67 19.80 -2.26 -31.35
N ALA A 68 20.62 -1.21 -31.15
CA ALA A 68 20.45 -0.02 -32.01
C ALA A 68 20.62 -0.36 -33.50
N ASN A 69 21.59 -1.19 -33.84
CA ASN A 69 21.83 -1.60 -35.27
C ASN A 69 20.62 -2.31 -35.86
N GLU A 70 19.98 -3.17 -35.08
CA GLU A 70 18.78 -3.90 -35.54
C GLU A 70 17.62 -2.93 -35.74
N ILE A 71 17.42 -2.02 -34.79
CA ILE A 71 16.44 -0.93 -34.99
C ILE A 71 16.70 -0.04 -36.22
N GLY A 72 17.95 0.43 -36.40
CA GLY A 72 18.26 1.13 -37.66
C GLY A 72 18.57 2.55 -37.36
N SER A 73 18.41 3.42 -38.34
CA SER A 73 18.95 4.76 -38.22
C SER A 73 18.25 5.61 -37.18
N LYS A 74 17.14 5.15 -36.64
CA LYS A 74 16.46 6.01 -35.63
C LYS A 74 16.89 5.66 -34.16
N ALA A 75 17.90 4.80 -34.00
CA ALA A 75 18.50 4.49 -32.70
C ALA A 75 20.06 4.65 -32.71
N PHE A 76 20.68 4.96 -31.57
CA PHE A 76 22.10 4.69 -31.43
C PHE A 76 22.34 4.00 -30.10
N GLY A 77 23.43 3.23 -30.03
CA GLY A 77 23.72 2.49 -28.82
C GLY A 77 24.88 3.16 -28.16
N VAL A 78 24.89 3.19 -26.83
CA VAL A 78 25.99 3.84 -26.14
C VAL A 78 26.19 3.11 -24.85
N ARG A 79 27.46 2.90 -24.50
CA ARG A 79 27.85 2.24 -23.27
C ARG A 79 27.69 3.18 -22.04
N VAL A 80 26.87 2.76 -21.08
CA VAL A 80 26.72 3.56 -19.87
C VAL A 80 26.57 2.69 -18.65
N ASP A 81 27.40 2.99 -17.69
CA ASP A 81 27.29 2.42 -16.40
C ASP A 81 26.55 3.49 -15.64
N VAL A 82 25.26 3.25 -15.36
CA VAL A 82 24.37 4.29 -14.78
C VAL A 82 24.79 4.71 -13.36
N SER A 83 25.67 3.92 -12.74
CA SER A 83 26.27 4.26 -11.45
C SER A 83 27.36 5.32 -11.62
N SER A 84 27.71 5.63 -12.86
CA SER A 84 28.88 6.56 -13.10
C SER A 84 28.34 7.91 -13.54
N ALA A 85 28.52 8.94 -12.76
CA ALA A 85 28.00 10.27 -13.12
C ALA A 85 28.55 10.75 -14.47
N LYS A 86 29.82 10.41 -14.73
CA LYS A 86 30.47 10.81 -15.98
C LYS A 86 29.77 10.10 -17.16
N ASP A 87 29.48 8.82 -17.04
CA ASP A 87 28.72 8.15 -18.15
C ASP A 87 27.35 8.71 -18.39
N ALA A 88 26.66 9.02 -17.31
CA ALA A 88 25.28 9.46 -17.39
C ALA A 88 25.26 10.86 -18.03
N GLU A 89 26.16 11.76 -17.58
CA GLU A 89 26.10 13.12 -18.18
C GLU A 89 26.53 13.03 -19.65
N SER A 90 27.52 12.18 -19.95
CA SER A 90 27.98 11.93 -21.32
C SER A 90 26.88 11.35 -22.23
N MSE A 91 26.04 10.49 -21.68
CA MSE A 91 24.96 9.89 -22.44
C MSE A 91 24.00 10.99 -22.88
O MSE A 91 23.52 10.99 -24.03
CB MSE A 91 24.17 8.87 -21.52
CG MSE A 91 22.89 8.33 -22.13
SE MSE A 91 21.92 7.33 -20.63
CE MSE A 91 21.32 8.93 -19.53
N VAL A 92 23.70 11.91 -21.95
CA VAL A 92 22.83 13.07 -22.25
C VAL A 92 23.46 14.01 -23.30
N GLU A 93 24.75 14.34 -23.18
CA GLU A 93 25.41 15.18 -24.18
C GLU A 93 25.34 14.55 -25.58
N LYS A 94 25.52 13.25 -25.68
CA LYS A 94 25.47 12.65 -26.98
C LYS A 94 24.07 12.64 -27.58
N THR A 95 23.10 12.44 -26.68
CA THR A 95 21.71 12.49 -27.08
C THR A 95 21.31 13.91 -27.60
N THR A 96 21.68 14.94 -26.87
CA THR A 96 21.28 16.31 -27.31
C THR A 96 22.10 16.72 -28.55
N ALA A 97 23.36 16.32 -28.60
CA ALA A 97 24.20 16.58 -29.81
C ALA A 97 23.51 15.98 -31.02
N LYS A 98 22.97 14.76 -30.87
CA LYS A 98 22.32 14.14 -32.02
C LYS A 98 20.95 14.70 -32.37
N TRP A 99 20.03 14.75 -31.38
CA TRP A 99 18.59 15.11 -31.61
C TRP A 99 18.07 16.35 -30.87
N GLY A 100 18.93 17.01 -30.08
CA GLY A 100 18.63 18.33 -29.58
C GLY A 100 17.67 18.36 -28.34
N ARG A 101 17.21 17.20 -27.85
CA ARG A 101 16.15 17.18 -26.80
C ARG A 101 16.03 15.78 -26.18
N VAL A 102 15.29 15.71 -25.10
CA VAL A 102 14.92 14.44 -24.50
C VAL A 102 13.43 14.46 -24.06
N ASP A 103 12.63 13.55 -24.59
CA ASP A 103 11.26 13.55 -24.24
C ASP A 103 10.94 12.50 -23.15
N VAL A 104 11.68 11.39 -23.16
CA VAL A 104 11.34 10.19 -22.32
C VAL A 104 12.64 9.59 -21.88
N LEU A 105 12.69 9.22 -20.60
CA LEU A 105 13.78 8.47 -20.07
C LEU A 105 13.15 7.24 -19.38
N VAL A 106 13.60 6.07 -19.75
CA VAL A 106 13.25 4.78 -19.05
C VAL A 106 14.49 4.32 -18.30
N ASN A 107 14.40 4.26 -16.99
CA ASN A 107 15.52 3.78 -16.16
C ASN A 107 15.23 2.30 -15.96
N ASN A 108 15.90 1.50 -16.79
CA ASN A 108 15.72 0.07 -16.68
C ASN A 108 17.02 -0.67 -16.34
N ALA A 109 18.17 0.02 -16.24
CA ALA A 109 19.40 -0.64 -15.79
C ALA A 109 19.15 -1.22 -14.36
N GLY A 110 19.58 -2.44 -14.05
CA GLY A 110 19.46 -2.92 -12.69
C GLY A 110 19.80 -4.39 -12.60
N PHE A 111 20.14 -4.87 -11.40
CA PHE A 111 20.36 -6.29 -11.21
C PHE A 111 20.10 -6.65 -9.75
N GLY A 112 20.16 -7.94 -9.46
CA GLY A 112 19.92 -8.48 -8.10
C GLY A 112 20.85 -9.64 -7.82
N THR A 113 20.95 -10.06 -6.55
CA THR A 113 21.79 -11.17 -6.17
C THR A 113 21.05 -11.97 -5.09
N THR A 114 21.55 -13.12 -4.72
CA THR A 114 20.84 -13.83 -3.67
C THR A 114 21.63 -13.62 -2.37
N GLY A 115 20.95 -13.73 -1.25
CA GLY A 115 21.59 -13.68 0.05
C GLY A 115 20.70 -12.90 0.99
N ASN A 116 21.09 -12.77 2.25
CA ASN A 116 20.32 -12.03 3.24
C ASN A 116 21.29 -11.05 3.88
N VAL A 117 20.87 -10.24 4.87
CA VAL A 117 21.83 -9.31 5.48
C VAL A 117 23.08 -9.95 6.06
N VAL A 118 22.97 -11.19 6.54
CA VAL A 118 24.15 -11.87 7.12
C VAL A 118 25.07 -12.25 5.99
N THR A 119 24.53 -12.76 4.87
CA THR A 119 25.42 -13.35 3.88
C THR A 119 25.81 -12.45 2.71
N ILE A 120 25.12 -11.37 2.45
CA ILE A 120 25.47 -10.45 1.34
C ILE A 120 26.72 -9.66 1.67
N PRO A 121 27.80 -9.81 0.84
CA PRO A 121 28.98 -8.94 1.06
C PRO A 121 28.62 -7.44 0.98
N GLU A 122 29.20 -6.63 1.88
CA GLU A 122 28.96 -5.19 1.87
C GLU A 122 29.26 -4.56 0.47
N GLU A 123 30.27 -5.02 -0.21
CA GLU A 123 30.53 -4.50 -1.59
C GLU A 123 29.38 -4.80 -2.53
N THR A 124 28.71 -5.96 -2.39
CA THR A 124 27.65 -6.33 -3.28
C THR A 124 26.41 -5.43 -2.92
N TRP A 125 26.15 -5.29 -1.63
CA TRP A 125 25.10 -4.40 -1.18
C TRP A 125 25.27 -3.02 -1.85
N ASP A 126 26.47 -2.44 -1.79
CA ASP A 126 26.68 -1.11 -2.29
C ASP A 126 26.51 -1.07 -3.81
N ARG A 127 26.99 -2.09 -4.49
CA ARG A 127 26.84 -2.13 -5.99
C ARG A 127 25.37 -2.17 -6.38
N ILE A 128 24.58 -2.98 -5.69
CA ILE A 128 23.17 -3.03 -5.99
C ILE A 128 22.50 -1.66 -5.82
N MSE A 129 22.78 -0.99 -4.70
CA MSE A 129 22.21 0.33 -4.44
C MSE A 129 22.72 1.33 -5.47
O MSE A 129 21.97 2.25 -5.91
CB MSE A 129 22.59 0.81 -3.03
CG MSE A 129 21.98 0.01 -1.98
SE MSE A 129 20.13 -0.71 -2.28
CE MSE A 129 19.10 0.97 -1.98
N SER A 130 23.99 1.22 -5.85
CA SER A 130 24.54 2.22 -6.79
C SER A 130 23.95 2.11 -8.21
N VAL A 131 23.74 0.88 -8.67
CA VAL A 131 23.21 0.71 -10.05
C VAL A 131 21.68 0.89 -10.03
N ASN A 132 20.99 0.20 -9.15
CA ASN A 132 19.50 0.19 -9.18
C ASN A 132 18.86 1.48 -8.72
N VAL A 133 19.43 2.15 -7.75
CA VAL A 133 18.76 3.31 -7.25
C VAL A 133 19.55 4.57 -7.63
N LYS A 134 20.85 4.62 -7.35
CA LYS A 134 21.61 5.87 -7.73
C LYS A 134 21.57 6.07 -9.25
N GLY A 135 21.48 4.97 -9.97
CA GLY A 135 21.31 5.06 -11.43
C GLY A 135 20.19 6.00 -11.93
N ILE A 136 19.01 5.85 -11.33
CA ILE A 136 17.84 6.74 -11.61
C ILE A 136 18.22 8.18 -11.29
N PHE A 137 18.84 8.38 -10.12
CA PHE A 137 19.16 9.72 -9.57
C PHE A 137 20.15 10.42 -10.55
N LEU A 138 21.18 9.70 -10.95
CA LEU A 138 22.17 10.23 -11.94
C LEU A 138 21.66 10.47 -13.35
N CYS A 139 20.97 9.50 -13.95
CA CYS A 139 20.44 9.74 -15.29
C CYS A 139 19.41 10.88 -15.28
N SER A 140 18.55 10.90 -14.24
CA SER A 140 17.55 11.93 -14.09
C SER A 140 18.21 13.31 -13.78
N LYS A 141 19.28 13.30 -13.01
CA LYS A 141 20.05 14.54 -12.74
C LYS A 141 20.44 15.27 -14.04
N TYR A 142 20.88 14.53 -15.05
CA TYR A 142 21.35 15.16 -16.31
C TYR A 142 20.26 15.26 -17.33
N VAL A 143 19.28 14.32 -17.29
CA VAL A 143 18.14 14.43 -18.22
C VAL A 143 17.14 15.63 -17.93
N ILE A 144 16.90 15.87 -16.64
CA ILE A 144 15.83 16.69 -16.29
C ILE A 144 16.15 18.18 -16.70
N PRO A 145 17.43 18.64 -16.59
CA PRO A 145 17.70 19.98 -17.12
C PRO A 145 17.40 20.09 -18.64
N VAL A 146 17.58 19.02 -19.40
CA VAL A 146 17.22 19.06 -20.80
C VAL A 146 15.70 19.07 -20.97
N MSE A 147 14.97 18.19 -20.26
CA MSE A 147 13.46 18.27 -20.41
C MSE A 147 12.87 19.60 -20.03
O MSE A 147 11.91 20.08 -20.66
CB MSE A 147 12.77 17.19 -19.55
CG MSE A 147 12.94 15.86 -20.08
SE MSE A 147 12.15 14.56 -18.76
CE MSE A 147 12.47 12.97 -19.85
N ARG A 148 13.46 20.24 -19.01
CA ARG A 148 13.03 21.59 -18.62
C ARG A 148 13.15 22.64 -19.76
N ARG A 149 14.01 22.39 -20.74
CA ARG A 149 14.16 23.34 -21.86
C ARG A 149 13.35 22.82 -23.08
N ASN A 150 12.71 21.64 -23.01
CA ASN A 150 11.86 21.21 -24.17
C ASN A 150 10.40 20.89 -23.81
N GLY A 151 9.88 21.63 -22.84
CA GLY A 151 8.47 21.52 -22.40
C GLY A 151 8.19 20.28 -21.55
N GLY A 152 9.19 19.62 -20.99
CA GLY A 152 8.94 18.58 -19.97
C GLY A 152 9.09 17.22 -20.61
N GLY A 153 8.42 16.24 -20.02
CA GLY A 153 8.59 14.88 -20.53
C GLY A 153 8.05 13.82 -19.60
N SER A 154 8.43 12.56 -19.86
CA SER A 154 7.98 11.46 -19.02
C SER A 154 9.16 10.55 -18.63
N ILE A 155 9.33 10.35 -17.31
CA ILE A 155 10.33 9.46 -16.83
C ILE A 155 9.63 8.23 -16.24
N ILE A 156 10.14 7.03 -16.56
CA ILE A 156 9.61 5.77 -16.11
C ILE A 156 10.70 4.90 -15.46
N ASN A 157 10.50 4.51 -14.19
CA ASN A 157 11.49 3.75 -13.44
C ASN A 157 11.03 2.34 -13.43
N THR A 158 11.95 1.42 -13.13
CA THR A 158 11.55 0.00 -13.04
C THR A 158 11.62 -0.42 -11.58
N THR A 159 10.48 -0.59 -10.92
CA THR A 159 10.53 -1.15 -9.59
C THR A 159 10.27 -2.67 -9.66
N SER A 160 9.59 -3.27 -8.69
CA SER A 160 9.29 -4.71 -8.74
C SER A 160 8.10 -5.01 -7.85
N TYR A 161 7.35 -6.09 -8.16
CA TYR A 161 6.28 -6.49 -7.28
C TYR A 161 6.91 -6.70 -5.88
N THR A 162 8.22 -6.91 -5.80
CA THR A 162 8.82 -7.30 -4.51
C THR A 162 8.98 -6.07 -3.62
N ALA A 163 8.75 -4.90 -4.19
CA ALA A 163 8.77 -3.64 -3.38
C ALA A 163 7.69 -3.66 -2.30
N THR A 164 6.60 -4.32 -2.61
CA THR A 164 5.48 -4.39 -1.68
C THR A 164 5.17 -5.84 -1.20
N SER A 165 5.46 -6.82 -2.02
CA SER A 165 5.25 -8.24 -1.67
C SER A 165 6.64 -8.95 -1.79
N ALA A 166 7.43 -8.95 -0.68
CA ALA A 166 8.80 -9.40 -0.76
C ALA A 166 8.97 -10.88 -1.00
N ILE A 167 10.17 -11.22 -1.42
CA ILE A 167 10.68 -12.56 -1.43
C ILE A 167 11.89 -12.69 -0.54
N ALA A 168 12.13 -13.94 -0.11
CA ALA A 168 13.20 -14.26 0.82
C ALA A 168 14.53 -14.31 0.06
N ASP A 169 15.60 -13.97 0.74
CA ASP A 169 16.95 -14.32 0.25
C ASP A 169 17.32 -13.54 -1.04
N ARG A 170 16.74 -12.34 -1.17
CA ARG A 170 17.22 -11.42 -2.25
C ARG A 170 17.26 -9.99 -1.69
N THR A 171 17.79 -9.89 -0.48
CA THR A 171 17.43 -8.77 0.37
C THR A 171 17.92 -7.41 -0.14
N ALA A 172 19.13 -7.34 -0.67
CA ALA A 172 19.57 -6.05 -1.14
C ALA A 172 18.74 -5.65 -2.32
N TYR A 173 18.46 -6.60 -3.22
CA TYR A 173 17.65 -6.27 -4.36
C TYR A 173 16.28 -5.75 -3.91
N VAL A 174 15.62 -6.47 -2.98
CA VAL A 174 14.31 -6.06 -2.53
C VAL A 174 14.31 -4.67 -1.88
N ALA A 175 15.34 -4.37 -1.08
CA ALA A 175 15.49 -3.00 -0.47
C ALA A 175 15.59 -1.93 -1.59
N SER A 176 16.39 -2.23 -2.62
CA SER A 176 16.63 -1.32 -3.74
C SER A 176 15.28 -1.04 -4.43
N LYS A 177 14.41 -2.03 -4.58
CA LYS A 177 13.13 -1.81 -5.27
C LYS A 177 12.18 -0.89 -4.48
N GLY A 178 12.18 -0.98 -3.15
CA GLY A 178 11.30 -0.08 -2.34
C GLY A 178 11.82 1.35 -2.46
N ALA A 179 13.15 1.54 -2.51
CA ALA A 179 13.73 2.87 -2.79
C ALA A 179 13.18 3.39 -4.06
N ILE A 180 13.15 2.57 -5.10
CA ILE A 180 12.67 3.04 -6.40
C ILE A 180 11.22 3.46 -6.38
N SER A 181 10.36 2.68 -5.66
CA SER A 181 8.94 3.05 -5.60
C SER A 181 8.77 4.40 -4.84
N SER A 182 9.39 4.56 -3.67
CA SER A 182 9.31 5.85 -2.96
C SER A 182 9.93 7.03 -3.74
N LEU A 183 11.04 6.78 -4.38
CA LEU A 183 11.74 7.86 -5.17
C LEU A 183 10.86 8.34 -6.31
N THR A 184 10.07 7.42 -6.87
CA THR A 184 9.16 7.72 -7.98
C THR A 184 8.08 8.73 -7.54
N ARG A 185 7.43 8.43 -6.41
CA ARG A 185 6.52 9.42 -5.82
C ARG A 185 7.21 10.79 -5.57
N ALA A 186 8.37 10.77 -4.94
CA ALA A 186 9.01 12.07 -4.58
C ALA A 186 9.38 12.86 -5.87
N MSE A 187 9.89 12.13 -6.87
CA MSE A 187 10.31 12.82 -8.10
C MSE A 187 9.08 13.40 -8.81
O MSE A 187 9.11 14.52 -9.35
CB MSE A 187 11.08 11.87 -9.02
CG MSE A 187 12.53 11.55 -8.57
SE MSE A 187 13.30 10.23 -9.85
CE MSE A 187 13.19 11.41 -11.51
N ALA A 188 7.96 12.68 -8.77
CA ALA A 188 6.76 13.15 -9.43
C ALA A 188 6.32 14.49 -8.80
N MSE A 189 6.46 14.57 -7.48
CA MSE A 189 6.23 15.80 -6.71
C MSE A 189 7.25 16.90 -6.96
O MSE A 189 6.81 18.06 -7.08
CB MSE A 189 6.14 15.49 -5.20
CG MSE A 189 4.90 14.61 -4.96
SE MSE A 189 4.80 14.27 -3.02
CE MSE A 189 4.28 16.06 -2.47
N ASP A 190 8.51 16.53 -7.13
CA ASP A 190 9.61 17.50 -7.33
C ASP A 190 9.44 18.19 -8.71
N HIS A 191 8.96 17.46 -9.71
CA HIS A 191 9.01 17.95 -11.10
C HIS A 191 7.68 18.14 -11.84
N ALA A 192 6.54 17.88 -11.16
CA ALA A 192 5.23 18.15 -11.75
C ALA A 192 5.10 19.57 -12.34
N LYS A 193 5.58 20.58 -11.62
CA LYS A 193 5.41 21.95 -12.06
C LYS A 193 6.25 22.25 -13.35
N GLU A 194 7.22 21.39 -13.61
CA GLU A 194 8.02 21.47 -14.80
C GLU A 194 7.44 20.63 -15.97
N GLY A 195 6.24 20.08 -15.80
CA GLY A 195 5.69 19.31 -16.92
C GLY A 195 6.38 17.96 -17.04
N ILE A 196 6.97 17.50 -15.96
CA ILE A 196 7.63 16.23 -16.01
C ILE A 196 6.89 15.17 -15.19
N ARG A 197 6.41 14.16 -15.85
CA ARG A 197 5.73 13.06 -15.22
C ARG A 197 6.73 12.01 -14.80
N VAL A 198 6.52 11.39 -13.67
CA VAL A 198 7.36 10.31 -13.21
C VAL A 198 6.54 9.15 -12.67
N ASN A 199 6.70 7.99 -13.28
CA ASN A 199 5.95 6.81 -12.87
C ASN A 199 6.93 5.65 -12.90
N ALA A 200 6.50 4.50 -12.37
CA ALA A 200 7.29 3.30 -12.37
C ALA A 200 6.43 2.08 -12.82
N VAL A 201 7.09 1.08 -13.38
CA VAL A 201 6.36 -0.20 -13.66
C VAL A 201 6.84 -1.17 -12.63
N ALA A 202 5.96 -2.04 -12.13
CA ALA A 202 6.39 -3.08 -11.16
C ALA A 202 6.15 -4.43 -11.84
N PRO A 203 7.18 -5.01 -12.50
CA PRO A 203 7.00 -6.29 -13.16
C PRO A 203 6.99 -7.42 -12.15
N GLY A 204 6.39 -8.55 -12.53
CA GLY A 204 6.44 -9.80 -11.82
C GLY A 204 7.76 -10.46 -12.22
N THR A 205 7.80 -11.79 -12.21
CA THR A 205 8.98 -12.52 -12.55
C THR A 205 9.03 -12.57 -14.09
N ILE A 206 10.06 -12.00 -14.67
CA ILE A 206 10.01 -11.84 -16.13
C ILE A 206 11.11 -12.67 -16.77
N ASP A 207 10.75 -13.42 -17.81
CA ASP A 207 11.74 -14.22 -18.50
C ASP A 207 12.74 -13.24 -19.13
N SER A 208 14.00 -13.39 -18.75
CA SER A 208 15.08 -12.44 -19.02
C SER A 208 16.40 -13.20 -19.12
N PRO A 209 17.48 -12.51 -19.61
CA PRO A 209 18.79 -13.17 -19.66
C PRO A 209 19.23 -13.75 -18.31
N TYR A 210 18.92 -13.08 -17.20
CA TYR A 210 19.24 -13.63 -15.89
C TYR A 210 18.63 -15.07 -15.79
N PHE A 211 17.36 -15.20 -16.20
CA PHE A 211 16.73 -16.54 -16.14
C PHE A 211 17.26 -17.44 -17.23
N THR A 212 17.58 -16.88 -18.41
CA THR A 212 18.10 -17.72 -19.53
C THR A 212 19.38 -18.47 -19.08
N LYS A 213 20.23 -17.78 -18.34
CA LYS A 213 21.46 -18.39 -17.84
C LYS A 213 21.17 -19.48 -16.83
N ILE A 214 20.32 -19.20 -15.84
CA ILE A 214 19.84 -20.20 -14.87
C ILE A 214 19.33 -21.43 -15.59
N PHE A 215 18.46 -21.24 -16.57
CA PHE A 215 17.94 -22.38 -17.33
C PHE A 215 19.01 -23.15 -18.18
N ALA A 216 19.97 -22.42 -18.75
CA ALA A 216 21.04 -22.98 -19.61
C ALA A 216 22.02 -23.83 -18.80
N GLU A 217 21.98 -23.62 -17.47
CA GLU A 217 22.88 -24.27 -16.53
C GLU A 217 22.16 -25.24 -15.63
N ALA A 218 20.86 -25.40 -15.84
CA ALA A 218 20.10 -26.37 -15.07
C ALA A 218 20.07 -27.71 -15.80
N LYS A 219 20.21 -28.75 -14.98
CA LYS A 219 19.84 -30.15 -15.33
C LYS A 219 18.37 -30.26 -15.73
N ASP A 220 17.51 -29.51 -15.02
CA ASP A 220 16.08 -29.54 -15.17
C ASP A 220 15.57 -28.09 -15.28
N PRO A 221 15.61 -27.53 -16.50
CA PRO A 221 15.13 -26.19 -16.79
C PRO A 221 13.60 -26.06 -16.58
N ALA A 222 12.82 -26.87 -17.31
CA ALA A 222 11.35 -26.79 -17.26
C ALA A 222 10.71 -26.94 -15.84
N LYS A 223 11.32 -27.71 -14.97
CA LYS A 223 10.93 -27.80 -13.57
C LYS A 223 11.17 -26.54 -12.77
N LEU A 224 12.36 -25.97 -12.94
CA LEU A 224 12.71 -24.71 -12.35
C LEU A 224 11.75 -23.62 -12.79
N ARG A 225 11.43 -23.65 -14.05
CA ARG A 225 10.54 -22.72 -14.63
C ARG A 225 9.16 -22.88 -14.00
N SER A 226 8.77 -24.10 -13.80
CA SER A 226 7.50 -24.33 -13.18
C SER A 226 7.46 -23.69 -11.77
N ASP A 227 8.57 -23.70 -11.09
CA ASP A 227 8.65 -23.08 -9.80
C ASP A 227 8.50 -21.56 -9.87
N PHE A 228 9.22 -20.94 -10.76
CA PHE A 228 8.99 -19.51 -11.05
C PHE A 228 7.55 -19.17 -11.52
N ASN A 229 6.99 -20.01 -12.40
CA ASN A 229 5.61 -19.86 -12.89
C ASN A 229 4.67 -19.72 -11.71
N ALA A 230 4.92 -20.49 -10.64
CA ALA A 230 3.99 -20.57 -9.55
C ALA A 230 4.03 -19.32 -8.65
N ARG A 231 5.00 -18.42 -8.86
CA ARG A 231 4.98 -17.16 -8.10
C ARG A 231 3.74 -16.26 -8.41
N ALA A 232 3.14 -16.48 -9.57
CA ALA A 232 2.06 -15.68 -10.05
C ALA A 232 0.80 -16.52 -10.00
N VAL A 233 -0.32 -15.88 -9.71
CA VAL A 233 -1.60 -16.55 -9.77
C VAL A 233 -1.91 -17.00 -11.21
N MSE A 234 -1.39 -16.26 -12.21
CA MSE A 234 -1.55 -16.64 -13.62
C MSE A 234 -0.66 -17.82 -14.00
O MSE A 234 -0.80 -18.39 -15.12
CB MSE A 234 -1.29 -15.41 -14.55
CG MSE A 234 -2.45 -14.52 -14.53
SE MSE A 234 -2.18 -12.98 -15.78
CE MSE A 234 -1.83 -14.00 -17.40
N ASP A 235 0.19 -18.26 -13.07
CA ASP A 235 0.99 -19.47 -13.25
C ASP A 235 1.92 -19.47 -14.48
N ARG A 236 2.52 -18.34 -14.78
CA ARG A 236 3.66 -18.30 -15.72
C ARG A 236 4.48 -17.08 -15.40
N MSE A 237 5.64 -16.96 -16.06
CA MSE A 237 6.46 -15.78 -15.98
C MSE A 237 5.93 -14.82 -17.02
O MSE A 237 5.38 -15.27 -18.03
CB MSE A 237 7.87 -16.19 -16.30
CG MSE A 237 8.47 -17.16 -15.17
SE MSE A 237 10.24 -17.83 -15.88
CE MSE A 237 11.37 -16.32 -15.35
N GLY A 238 6.19 -13.54 -16.86
CA GLY A 238 5.80 -12.51 -17.82
C GLY A 238 6.86 -12.43 -18.95
N THR A 239 6.62 -11.67 -20.03
CA THR A 239 7.69 -11.57 -21.05
C THR A 239 8.14 -10.13 -21.12
N ALA A 240 9.31 -9.90 -21.70
CA ALA A 240 9.84 -8.55 -21.88
C ALA A 240 8.89 -7.67 -22.62
N GLU A 241 8.21 -8.29 -23.60
CA GLU A 241 7.32 -7.54 -24.48
C GLU A 241 6.10 -7.09 -23.75
N GLU A 242 5.60 -7.88 -22.80
CA GLU A 242 4.50 -7.44 -21.97
C GLU A 242 4.84 -6.25 -21.11
N ILE A 243 6.01 -6.27 -20.47
CA ILE A 243 6.42 -5.07 -19.72
C ILE A 243 6.59 -3.88 -20.69
N ALA A 244 7.14 -4.11 -21.91
CA ALA A 244 7.39 -2.95 -22.81
C ALA A 244 6.06 -2.24 -23.05
N GLU A 245 4.96 -3.01 -23.14
CA GLU A 245 3.63 -2.36 -23.34
C GLU A 245 3.26 -1.39 -22.24
N ALA A 246 3.58 -1.72 -20.98
CA ALA A 246 3.35 -0.81 -19.82
C ALA A 246 4.28 0.39 -19.97
N MSE A 247 5.54 0.15 -20.37
CA MSE A 247 6.43 1.29 -20.58
C MSE A 247 5.88 2.24 -21.60
O MSE A 247 5.92 3.48 -21.42
CB MSE A 247 7.84 0.81 -21.01
CG MSE A 247 8.47 -0.13 -20.05
SE MSE A 247 9.09 0.83 -18.52
CE MSE A 247 10.33 -0.60 -17.80
N LEU A 248 5.37 1.68 -22.71
CA LEU A 248 4.80 2.50 -23.77
C LEU A 248 3.56 3.29 -23.29
N PHE A 249 2.66 2.61 -22.55
CA PHE A 249 1.50 3.33 -22.01
C PHE A 249 1.98 4.54 -21.22
N LEU A 250 2.97 4.34 -20.34
CA LEU A 250 3.40 5.44 -19.44
C LEU A 250 4.24 6.50 -20.15
N ALA A 251 4.94 6.10 -21.19
CA ALA A 251 5.74 7.08 -21.93
C ALA A 251 4.84 8.01 -22.84
N SER A 252 3.72 7.47 -23.29
CA SER A 252 2.89 8.06 -24.31
C SER A 252 1.80 8.98 -23.68
N ASP A 253 1.12 9.74 -24.53
CA ASP A 253 0.05 10.64 -24.10
C ASP A 253 -1.23 9.90 -23.73
N ARG A 254 -1.25 8.58 -23.79
CA ARG A 254 -2.38 7.83 -23.24
C ARG A 254 -2.44 7.90 -21.72
N SER A 255 -1.39 8.41 -21.06
CA SER A 255 -1.29 8.37 -19.58
C SER A 255 -0.89 9.80 -19.09
N ARG A 256 -1.28 10.79 -19.88
CA ARG A 256 -0.93 12.17 -19.47
C ARG A 256 -1.46 12.67 -18.13
N PHE A 257 -2.50 12.00 -17.58
CA PHE A 257 -2.95 12.36 -16.20
C PHE A 257 -2.41 11.39 -15.10
N ALA A 258 -1.37 10.60 -15.43
CA ALA A 258 -0.75 9.68 -14.48
C ALA A 258 0.65 10.17 -14.06
N THR A 259 0.82 10.45 -12.76
CA THR A 259 2.16 10.75 -12.29
C THR A 259 2.29 10.30 -10.84
N GLY A 260 3.50 9.89 -10.48
CA GLY A 260 3.90 9.26 -9.21
C GLY A 260 3.23 7.89 -8.99
N SER A 261 2.71 7.26 -10.06
CA SER A 261 2.04 5.96 -9.92
C SER A 261 2.96 4.79 -10.17
N ILE A 262 2.51 3.61 -9.70
CA ILE A 262 3.27 2.35 -9.85
C ILE A 262 2.27 1.56 -10.68
N LEU A 263 2.69 1.15 -11.87
CA LEU A 263 1.81 0.36 -12.74
C LEU A 263 2.30 -1.11 -12.67
N THR A 264 1.52 -1.98 -12.05
CA THR A 264 2.01 -3.35 -11.77
C THR A 264 1.55 -4.31 -12.88
N VAL A 265 2.48 -5.12 -13.38
CA VAL A 265 2.22 -6.16 -14.42
C VAL A 265 2.92 -7.39 -13.93
N ASP A 266 2.26 -8.15 -13.09
CA ASP A 266 3.00 -9.16 -12.39
C ASP A 266 2.28 -10.53 -12.35
N GLY A 267 1.24 -10.68 -13.19
CA GLY A 267 0.56 -12.04 -13.21
C GLY A 267 -0.18 -12.32 -11.91
N GLY A 268 -0.33 -11.27 -11.08
CA GLY A 268 -0.91 -11.37 -9.74
C GLY A 268 0.08 -12.06 -8.82
N SER A 269 1.32 -11.57 -8.75
CA SER A 269 2.30 -12.11 -7.80
C SER A 269 2.32 -11.45 -6.43
N SER A 270 1.67 -10.29 -6.33
CA SER A 270 1.78 -9.42 -5.16
C SER A 270 0.41 -9.19 -4.57
N ILE A 271 -0.63 -9.94 -4.96
CA ILE A 271 -1.97 -9.52 -4.58
C ILE A 271 -2.58 -10.42 -3.48
N GLY A 272 -1.88 -11.47 -3.09
CA GLY A 272 -2.33 -12.37 -2.01
C GLY A 272 -1.69 -13.75 -2.26
N ASN A 273 -1.65 -14.56 -1.20
CA ASN A 273 -0.93 -15.85 -1.28
C ASN A 273 -1.82 -16.90 -1.84
N HIS A 274 -1.70 -17.17 -3.11
CA HIS A 274 -2.53 -18.17 -3.79
C HIS A 274 -1.95 -19.57 -3.59
N LEU A 275 -0.84 -19.76 -2.93
CA LEU A 275 -0.29 -21.16 -2.71
C LEU A 275 -0.75 -21.85 -1.40
N VAL A 276 -1.61 -21.17 -0.64
CA VAL A 276 -2.08 -21.73 0.65
C VAL A 276 -3.59 -21.72 0.48
N MSE B 23 7.64 -3.16 33.39
CA MSE B 23 8.81 -4.04 33.11
C MSE B 23 8.70 -5.00 31.86
O MSE B 23 9.17 -6.13 31.89
CB MSE B 23 9.26 -4.78 34.38
CG MSE B 23 9.43 -3.82 35.59
SE MSE B 23 10.93 -2.50 35.32
CE MSE B 23 12.35 -3.64 36.08
N ASP B 24 8.20 -4.48 30.73
CA ASP B 24 8.13 -5.21 29.45
C ASP B 24 9.50 -5.73 28.90
N LEU B 25 10.62 -5.07 29.23
CA LEU B 25 11.94 -5.49 28.72
C LEU B 25 12.92 -5.84 29.84
N ASN B 26 12.36 -6.32 30.94
CA ASN B 26 13.19 -6.68 32.10
C ASN B 26 14.41 -7.57 31.78
N GLN B 27 15.63 -7.06 31.99
CA GLN B 27 16.86 -7.81 31.73
C GLN B 27 17.11 -8.15 30.26
N ARG B 28 16.39 -7.53 29.34
CA ARG B 28 16.68 -7.78 27.93
C ARG B 28 17.74 -6.81 27.45
N VAL B 29 18.62 -7.26 26.60
CA VAL B 29 19.69 -6.42 26.15
C VAL B 29 19.28 -5.79 24.81
N CYS B 30 19.23 -4.45 24.79
CA CYS B 30 18.70 -3.72 23.66
C CYS B 30 19.74 -2.73 23.12
N ILE B 31 20.01 -2.81 21.83
CA ILE B 31 20.92 -1.85 21.20
C ILE B 31 20.11 -0.82 20.44
N VAL B 32 20.40 0.45 20.68
CA VAL B 32 19.66 1.52 20.06
C VAL B 32 20.68 2.42 19.30
N THR B 33 20.63 2.38 17.96
CA THR B 33 21.54 3.23 17.17
C THR B 33 20.87 4.61 17.01
N GLY B 34 21.66 5.67 16.77
CA GLY B 34 21.12 6.99 16.86
C GLY B 34 20.62 7.26 18.28
N GLY B 35 21.14 6.54 19.28
CA GLY B 35 20.53 6.68 20.62
C GLY B 35 20.88 7.96 21.35
N GLY B 36 21.72 8.81 20.73
CA GLY B 36 22.16 10.04 21.40
C GLY B 36 21.20 11.23 21.24
N SER B 37 20.13 11.13 20.45
CA SER B 37 19.22 12.26 20.27
C SER B 37 17.86 11.75 19.78
N GLY B 38 16.91 12.68 19.75
CA GLY B 38 15.55 12.45 19.15
C GLY B 38 14.91 11.15 19.60
N ILE B 39 14.49 10.37 18.59
CA ILE B 39 13.71 9.19 18.78
C ILE B 39 14.53 8.12 19.44
N GLY B 40 15.81 8.04 19.04
CA GLY B 40 16.69 6.99 19.53
C GLY B 40 16.91 7.24 21.05
N ARG B 41 17.12 8.49 21.41
CA ARG B 41 17.32 8.74 22.86
C ARG B 41 16.07 8.44 23.69
N ALA B 42 14.90 8.88 23.22
CA ALA B 42 13.70 8.58 24.00
C ALA B 42 13.46 7.09 24.05
N THR B 43 13.82 6.37 22.97
CA THR B 43 13.67 4.95 23.01
C THR B 43 14.59 4.24 24.04
N ALA B 44 15.87 4.64 24.04
CA ALA B 44 16.84 4.17 24.98
C ALA B 44 16.34 4.38 26.43
N GLU B 45 15.81 5.56 26.74
CA GLU B 45 15.31 5.87 28.10
C GLU B 45 14.08 5.08 28.48
N LEU B 46 13.11 4.97 27.56
CA LEU B 46 11.93 4.16 27.82
C LEU B 46 12.29 2.66 27.97
N PHE B 47 13.17 2.11 27.13
CA PHE B 47 13.59 0.72 27.26
C PHE B 47 14.20 0.52 28.67
N ALA B 48 15.09 1.43 29.07
CA ALA B 48 15.71 1.30 30.42
C ALA B 48 14.63 1.43 31.49
N LYS B 49 13.69 2.37 31.35
CA LYS B 49 12.58 2.40 32.34
C LYS B 49 11.80 1.07 32.41
N ASN B 50 11.73 0.33 31.29
CA ASN B 50 11.07 -0.95 31.34
C ASN B 50 12.03 -2.10 31.66
N GLY B 51 13.18 -1.82 32.29
CA GLY B 51 14.02 -2.94 32.80
C GLY B 51 15.17 -3.42 31.89
N ALA B 52 15.37 -2.77 30.73
CA ALA B 52 16.35 -3.23 29.78
C ALA B 52 17.80 -2.85 30.17
N TYR B 53 18.77 -3.67 29.77
CA TYR B 53 20.15 -3.22 29.54
C TYR B 53 20.22 -2.54 28.16
N VAL B 54 20.82 -1.37 28.08
CA VAL B 54 20.71 -0.58 26.84
C VAL B 54 22.11 -0.19 26.34
N VAL B 55 22.39 -0.48 25.08
CA VAL B 55 23.60 0.00 24.47
C VAL B 55 23.14 1.23 23.69
N VAL B 56 23.68 2.41 24.06
CA VAL B 56 23.37 3.65 23.39
C VAL B 56 24.44 3.85 22.33
N ALA B 57 24.12 3.57 21.06
CA ALA B 57 25.10 3.76 20.00
C ALA B 57 24.82 5.02 19.18
N ASP B 58 25.83 5.85 18.88
CA ASP B 58 25.51 7.05 18.15
C ASP B 58 26.78 7.43 17.45
N VAL B 59 26.64 8.04 16.27
CA VAL B 59 27.83 8.57 15.54
C VAL B 59 28.60 9.57 16.38
N ASN B 60 27.87 10.25 17.29
CA ASN B 60 28.52 11.23 18.17
C ASN B 60 28.76 10.59 19.57
N GLU B 61 30.02 10.28 19.87
CA GLU B 61 30.33 9.63 21.14
C GLU B 61 29.75 10.41 22.36
N ASP B 62 29.91 11.74 22.37
CA ASP B 62 29.55 12.53 23.54
C ASP B 62 28.03 12.40 23.78
N ALA B 63 27.30 12.41 22.66
CA ALA B 63 25.86 12.31 22.73
C ALA B 63 25.43 10.94 23.30
N ALA B 64 26.10 9.88 22.88
CA ALA B 64 25.77 8.56 23.34
C ALA B 64 26.04 8.49 24.84
N VAL B 65 27.18 8.99 25.25
CA VAL B 65 27.63 8.97 26.64
C VAL B 65 26.70 9.79 27.51
N ARG B 66 26.28 10.91 27.01
CA ARG B 66 25.37 11.74 27.72
C ARG B 66 24.11 10.98 28.07
N VAL B 67 23.56 10.23 27.12
CA VAL B 67 22.33 9.53 27.32
C VAL B 67 22.53 8.34 28.25
N ALA B 68 23.65 7.68 28.05
CA ALA B 68 23.96 6.50 28.88
C ALA B 68 24.16 6.96 30.34
N ASN B 69 24.78 8.12 30.51
CA ASN B 69 25.02 8.63 31.90
C ASN B 69 23.67 8.90 32.55
N GLU B 70 22.75 9.50 31.82
CA GLU B 70 21.43 9.87 32.36
C GLU B 70 20.67 8.61 32.79
N ILE B 71 20.76 7.55 32.00
CA ILE B 71 20.13 6.28 32.34
C ILE B 71 20.73 5.60 33.56
N GLY B 72 22.05 5.61 33.65
CA GLY B 72 22.77 4.99 34.76
C GLY B 72 23.46 3.73 34.35
N SER B 73 23.71 2.89 35.34
CA SER B 73 24.56 1.73 35.16
C SER B 73 23.95 0.57 34.31
N LYS B 74 22.66 0.66 33.93
CA LYS B 74 22.07 -0.29 32.97
C LYS B 74 22.29 0.08 31.47
N ALA B 75 23.05 1.10 31.17
CA ALA B 75 23.32 1.54 29.79
C ALA B 75 24.83 1.78 29.63
N PHE B 76 25.39 1.62 28.41
CA PHE B 76 26.67 2.20 28.16
C PHE B 76 26.60 2.86 26.80
N GLY B 77 27.44 3.87 26.61
CA GLY B 77 27.46 4.71 25.40
C GLY B 77 28.59 4.20 24.54
N VAL B 78 28.37 4.14 23.21
CA VAL B 78 29.44 3.74 22.33
C VAL B 78 29.35 4.53 21.02
N ARG B 79 30.49 4.94 20.49
CA ARG B 79 30.53 5.70 19.28
C ARG B 79 30.40 4.65 18.17
N VAL B 80 29.37 4.79 17.34
CA VAL B 80 29.26 3.98 16.15
C VAL B 80 28.75 4.71 14.93
N ASP B 81 29.48 4.63 13.84
CA ASP B 81 29.02 5.11 12.55
C ASP B 81 28.49 3.86 11.88
N VAL B 82 27.16 3.78 11.77
CA VAL B 82 26.53 2.54 11.31
C VAL B 82 26.84 2.22 9.82
N SER B 83 27.39 3.17 9.08
CA SER B 83 27.82 2.86 7.69
C SER B 83 29.16 2.13 7.71
N SER B 84 29.74 1.97 8.91
CA SER B 84 31.08 1.31 9.01
C SER B 84 30.97 -0.11 9.54
N ALA B 85 31.30 -1.10 8.68
CA ALA B 85 31.26 -2.54 9.10
C ALA B 85 32.09 -2.79 10.37
N LYS B 86 33.27 -2.17 10.38
CA LYS B 86 34.11 -2.25 11.59
C LYS B 86 33.45 -1.77 12.87
N ASP B 87 32.90 -0.56 12.84
CA ASP B 87 32.16 -0.02 14.06
C ASP B 87 30.96 -0.90 14.43
N ALA B 88 30.23 -1.37 13.41
CA ALA B 88 29.04 -2.18 13.71
C ALA B 88 29.44 -3.50 14.32
N GLU B 89 30.48 -4.19 13.82
CA GLU B 89 30.82 -5.51 14.43
C GLU B 89 31.41 -5.28 15.84
N SER B 90 32.13 -4.18 15.97
CA SER B 90 32.73 -3.83 17.25
C SER B 90 31.66 -3.53 18.32
N MSE B 91 30.60 -2.80 17.91
CA MSE B 91 29.47 -2.54 18.77
C MSE B 91 28.83 -3.83 19.36
O MSE B 91 28.53 -3.95 20.56
CB MSE B 91 28.43 -1.73 18.00
CG MSE B 91 27.11 -1.56 18.77
SE MSE B 91 25.76 -0.79 17.47
CE MSE B 91 25.40 -2.52 16.48
N VAL B 92 28.68 -4.83 18.49
CA VAL B 92 28.10 -6.10 18.87
C VAL B 92 29.03 -6.87 19.79
N GLU B 93 30.32 -6.92 19.46
CA GLU B 93 31.34 -7.56 20.36
C GLU B 93 31.43 -6.90 21.75
N LYS B 94 31.36 -5.56 21.83
CA LYS B 94 31.27 -4.92 23.18
C LYS B 94 30.00 -5.33 23.92
N THR B 95 28.89 -5.49 23.20
CA THR B 95 27.62 -5.81 23.82
C THR B 95 27.66 -7.22 24.40
N THR B 96 28.04 -8.18 23.57
CA THR B 96 28.16 -9.61 24.01
C THR B 96 29.27 -9.77 25.07
N ALA B 97 30.34 -9.00 25.00
CA ALA B 97 31.37 -9.09 26.04
C ALA B 97 30.79 -8.58 27.37
N LYS B 98 29.94 -7.54 27.36
CA LYS B 98 29.38 -7.02 28.59
C LYS B 98 28.25 -7.92 29.10
N TRP B 99 27.33 -8.28 28.22
CA TRP B 99 26.05 -8.77 28.68
C TRP B 99 25.66 -10.13 28.09
N GLY B 100 26.52 -10.66 27.20
CA GLY B 100 26.37 -12.04 26.72
C GLY B 100 25.31 -12.38 25.67
N ARG B 101 24.50 -11.39 25.24
CA ARG B 101 23.38 -11.73 24.36
C ARG B 101 22.89 -10.40 23.74
N VAL B 102 22.06 -10.47 22.69
CA VAL B 102 21.36 -9.25 22.21
C VAL B 102 19.92 -9.69 21.99
N ASP B 103 18.96 -9.01 22.63
CA ASP B 103 17.57 -9.34 22.44
C ASP B 103 16.85 -8.39 21.50
N VAL B 104 17.28 -7.14 21.43
CA VAL B 104 16.53 -6.12 20.66
C VAL B 104 17.56 -5.23 19.99
N LEU B 105 17.38 -5.02 18.69
CA LEU B 105 18.15 -3.99 17.99
C LEU B 105 17.14 -2.93 17.45
N VAL B 106 17.33 -1.67 17.79
CA VAL B 106 16.59 -0.59 17.18
C VAL B 106 17.51 0.17 16.23
N ASN B 107 17.18 0.13 14.94
CA ASN B 107 18.02 0.85 13.98
C ASN B 107 17.40 2.24 13.85
N ASN B 108 17.94 3.24 14.53
CA ASN B 108 17.43 4.63 14.40
C ASN B 108 18.46 5.65 13.91
N ALA B 109 19.69 5.28 13.66
CA ALA B 109 20.63 6.29 13.09
C ALA B 109 20.07 6.68 11.70
N GLY B 110 20.08 7.95 11.37
CA GLY B 110 19.73 8.25 9.98
C GLY B 110 19.73 9.75 9.89
N PHE B 111 19.70 10.28 8.67
CA PHE B 111 19.55 11.72 8.46
C PHE B 111 19.00 11.99 7.04
N GLY B 112 18.59 13.24 6.80
CA GLY B 112 18.05 13.67 5.52
C GLY B 112 18.55 15.05 5.16
N THR B 113 18.26 15.47 3.94
CA THR B 113 18.81 16.67 3.39
C THR B 113 17.72 17.25 2.48
N THR B 114 17.81 18.53 2.11
CA THR B 114 16.87 19.04 1.20
C THR B 114 17.50 19.05 -0.22
N GLY B 115 16.67 18.96 -1.24
CA GLY B 115 17.09 19.01 -2.62
C GLY B 115 16.29 17.97 -3.43
N ASN B 116 16.52 17.93 -4.74
CA ASN B 116 15.84 16.92 -5.60
C ASN B 116 16.94 16.21 -6.41
N VAL B 117 16.62 15.36 -7.39
CA VAL B 117 17.75 14.64 -8.02
C VAL B 117 18.73 15.61 -8.78
N VAL B 118 18.24 16.78 -9.20
CA VAL B 118 19.08 17.69 -9.89
C VAL B 118 20.08 18.33 -8.91
N THR B 119 19.61 18.78 -7.76
CA THR B 119 20.47 19.58 -6.86
C THR B 119 21.22 18.75 -5.78
N ILE B 120 20.71 17.60 -5.37
CA ILE B 120 21.46 16.82 -4.37
C ILE B 120 22.83 16.40 -4.94
N PRO B 121 23.96 16.75 -4.24
CA PRO B 121 25.28 16.30 -4.76
C PRO B 121 25.33 14.80 -4.64
N GLU B 122 26.02 14.14 -5.57
CA GLU B 122 26.21 12.72 -5.53
C GLU B 122 26.69 12.17 -4.17
N GLU B 123 27.69 12.81 -3.61
CA GLU B 123 28.24 12.35 -2.33
C GLU B 123 27.18 12.32 -1.21
N THR B 124 26.29 13.30 -1.19
CA THR B 124 25.22 13.37 -0.17
C THR B 124 24.24 12.22 -0.41
N TRP B 125 23.88 11.98 -1.67
CA TRP B 125 23.02 10.92 -2.01
C TRP B 125 23.61 9.60 -1.43
N ASP B 126 24.86 9.33 -1.74
CA ASP B 126 25.53 8.13 -1.22
C ASP B 126 25.57 8.08 0.30
N ARG B 127 25.85 9.23 0.92
CA ARG B 127 25.99 9.25 2.35
C ARG B 127 24.65 8.93 3.02
N ILE B 128 23.59 9.50 2.49
CA ILE B 128 22.21 9.18 2.96
C ILE B 128 21.88 7.66 2.84
N MSE B 129 22.06 7.06 1.63
CA MSE B 129 21.90 5.57 1.44
C MSE B 129 22.81 4.80 2.40
O MSE B 129 22.37 3.83 2.99
CB MSE B 129 22.19 5.17 0.01
CG MSE B 129 21.26 5.88 -0.94
SE MSE B 129 19.30 5.86 -0.39
CE MSE B 129 18.77 4.02 -0.85
N SER B 130 24.05 5.23 2.62
CA SER B 130 24.98 4.49 3.45
C SER B 130 24.51 4.48 4.93
N VAL B 131 24.10 5.62 5.45
CA VAL B 131 23.75 5.64 6.87
C VAL B 131 22.34 5.05 7.05
N ASN B 132 21.40 5.58 6.28
CA ASN B 132 19.95 5.26 6.45
C ASN B 132 19.66 3.76 6.16
N VAL B 133 20.28 3.19 5.12
CA VAL B 133 19.83 1.87 4.71
C VAL B 133 20.94 0.84 4.95
N LYS B 134 22.19 1.20 4.59
CA LYS B 134 23.27 0.26 4.77
C LYS B 134 23.56 0.11 6.26
N GLY B 135 23.26 1.12 7.07
CA GLY B 135 23.43 0.93 8.52
C GLY B 135 22.58 -0.21 9.10
N ILE B 136 21.33 -0.32 8.63
CA ILE B 136 20.46 -1.46 9.00
C ILE B 136 21.11 -2.78 8.59
N PHE B 137 21.52 -2.88 7.33
CA PHE B 137 22.17 -4.07 6.79
C PHE B 137 23.38 -4.46 7.69
N LEU B 138 24.27 -3.53 8.00
CA LEU B 138 25.51 -3.86 8.77
C LEU B 138 25.26 -4.19 10.27
N CYS B 139 24.39 -3.43 10.94
CA CYS B 139 24.10 -3.71 12.33
C CYS B 139 23.43 -5.09 12.45
N SER B 140 22.50 -5.41 11.52
CA SER B 140 21.74 -6.65 11.60
C SER B 140 22.66 -7.83 11.18
N LYS B 141 23.59 -7.54 10.26
CA LYS B 141 24.54 -8.57 9.83
C LYS B 141 25.29 -9.13 11.05
N TYR B 142 25.69 -8.25 11.98
CA TYR B 142 26.41 -8.70 13.20
C TYR B 142 25.53 -9.11 14.38
N VAL B 143 24.32 -8.52 14.46
CA VAL B 143 23.41 -8.76 15.58
C VAL B 143 22.72 -10.08 15.34
N ILE B 144 22.38 -10.39 14.09
CA ILE B 144 21.53 -11.59 13.84
C ILE B 144 22.21 -12.94 14.28
N PRO B 145 23.48 -13.14 14.00
CA PRO B 145 24.16 -14.36 14.42
C PRO B 145 24.17 -14.54 15.92
N VAL B 146 24.16 -13.48 16.68
CA VAL B 146 23.98 -13.56 18.09
C VAL B 146 22.55 -13.96 18.50
N MSE B 147 21.59 -13.19 18.08
CA MSE B 147 20.21 -13.53 18.36
C MSE B 147 19.92 -14.97 18.01
O MSE B 147 19.17 -15.59 18.68
CB MSE B 147 19.28 -12.61 17.58
CG MSE B 147 19.33 -11.16 18.02
SE MSE B 147 18.03 -10.02 17.19
CE MSE B 147 17.87 -8.69 18.61
N ARG B 148 20.49 -15.46 16.92
CA ARG B 148 20.29 -16.80 16.43
C ARG B 148 20.67 -17.86 17.46
N ARG B 149 21.65 -17.57 18.29
CA ARG B 149 22.10 -18.45 19.33
C ARG B 149 21.45 -18.20 20.66
N ASN B 150 20.73 -17.11 20.80
CA ASN B 150 20.09 -16.78 22.06
C ASN B 150 18.57 -16.84 22.00
N GLY B 151 18.06 -17.66 21.11
CA GLY B 151 16.65 -17.82 20.99
C GLY B 151 15.84 -16.83 20.17
N GLY B 152 16.49 -15.99 19.40
CA GLY B 152 15.76 -15.08 18.50
C GLY B 152 15.75 -13.68 19.09
N GLY B 153 14.82 -12.85 18.65
CA GLY B 153 14.73 -11.47 19.17
C GLY B 153 13.90 -10.56 18.27
N SER B 154 14.07 -9.25 18.44
CA SER B 154 13.18 -8.31 17.75
C SER B 154 14.03 -7.18 17.18
N ILE B 155 13.90 -6.94 15.87
CA ILE B 155 14.62 -5.85 15.21
C ILE B 155 13.59 -4.82 14.74
N ILE B 156 13.79 -3.54 15.05
CA ILE B 156 12.86 -2.51 14.72
C ILE B 156 13.64 -1.44 13.97
N ASN B 157 13.23 -1.21 12.73
CA ASN B 157 13.80 -0.12 11.88
C ASN B 157 12.93 1.13 11.95
N THR B 158 13.45 2.28 11.49
CA THR B 158 12.73 3.52 11.53
C THR B 158 12.54 3.87 10.05
N THR B 159 11.35 3.75 9.56
CA THR B 159 11.09 4.21 8.23
C THR B 159 10.46 5.62 8.37
N SER B 160 9.53 6.01 7.52
CA SER B 160 8.92 7.34 7.67
C SER B 160 7.57 7.33 6.98
N TYR B 161 6.67 8.23 7.41
CA TYR B 161 5.42 8.38 6.69
C TYR B 161 5.65 8.67 5.22
N THR B 162 6.80 9.28 4.91
CA THR B 162 7.03 9.68 3.51
C THR B 162 7.40 8.50 2.57
N ALA B 163 7.69 7.33 3.10
CA ALA B 163 7.92 6.16 2.25
C ALA B 163 6.67 5.83 1.43
N THR B 164 5.55 6.20 1.98
CA THR B 164 4.23 6.00 1.44
C THR B 164 3.64 7.29 0.89
N SER B 165 3.73 8.36 1.66
CA SER B 165 3.07 9.62 1.28
C SER B 165 4.24 10.63 1.10
N ALA B 166 4.70 10.78 -0.12
CA ALA B 166 6.01 11.43 -0.32
C ALA B 166 5.93 12.96 0.01
N ILE B 167 7.07 13.62 0.21
CA ILE B 167 7.06 15.09 0.16
C ILE B 167 8.09 15.49 -0.90
N ALA B 168 8.06 16.75 -1.32
CA ALA B 168 8.94 17.21 -2.33
C ALA B 168 10.20 17.74 -1.68
N ASP B 169 11.25 17.91 -2.47
CA ASP B 169 12.48 18.53 -1.99
C ASP B 169 13.22 17.83 -0.80
N ARG B 170 13.08 16.49 -0.66
CA ARG B 170 13.85 15.72 0.32
C ARG B 170 14.13 14.34 -0.30
N THR B 171 14.53 14.39 -1.55
CA THR B 171 14.36 13.23 -2.45
C THR B 171 15.23 11.99 -2.05
N ALA B 172 16.48 12.20 -1.61
CA ALA B 172 17.29 11.03 -1.28
C ALA B 172 16.76 10.43 0.05
N TYR B 173 16.32 11.32 0.93
CA TYR B 173 15.87 10.88 2.23
C TYR B 173 14.61 10.01 2.03
N VAL B 174 13.66 10.47 1.21
CA VAL B 174 12.40 9.73 0.87
C VAL B 174 12.74 8.37 0.19
N ALA B 175 13.61 8.38 -0.79
CA ALA B 175 14.07 7.15 -1.43
C ALA B 175 14.61 6.12 -0.33
N SER B 176 15.49 6.61 0.56
CA SER B 176 16.05 5.77 1.62
C SER B 176 14.95 5.12 2.51
N LYS B 177 13.90 5.84 2.83
CA LYS B 177 12.86 5.32 3.74
C LYS B 177 12.03 4.27 2.97
N GLY B 178 11.77 4.41 1.63
CA GLY B 178 11.09 3.28 0.91
C GLY B 178 11.95 2.00 0.90
N ALA B 179 13.27 2.17 0.78
CA ALA B 179 14.14 1.05 0.92
C ALA B 179 14.03 0.40 2.31
N ILE B 180 13.95 1.20 3.37
CA ILE B 180 13.90 0.62 4.71
C ILE B 180 12.56 -0.20 4.89
N SER B 181 11.45 0.32 4.36
CA SER B 181 10.16 -0.37 4.48
C SER B 181 10.23 -1.67 3.72
N SER B 182 10.75 -1.67 2.47
CA SER B 182 10.77 -2.94 1.71
C SER B 182 11.76 -3.93 2.37
N LEU B 183 12.88 -3.38 2.88
CA LEU B 183 13.91 -4.18 3.54
C LEU B 183 13.36 -4.89 4.82
N THR B 184 12.49 -4.22 5.52
CA THR B 184 11.81 -4.73 6.71
C THR B 184 10.99 -6.01 6.38
N ARG B 185 10.22 -5.94 5.30
CA ARG B 185 9.46 -7.10 4.89
C ARG B 185 10.42 -8.23 4.53
N ALA B 186 11.45 -7.93 3.74
CA ALA B 186 12.42 -8.95 3.29
C ALA B 186 13.10 -9.64 4.50
N MSE B 187 13.56 -8.81 5.45
CA MSE B 187 14.23 -9.36 6.61
C MSE B 187 13.29 -10.23 7.43
O MSE B 187 13.72 -11.26 7.97
CB MSE B 187 14.81 -8.23 7.47
CG MSE B 187 16.09 -7.56 6.76
SE MSE B 187 16.71 -6.09 7.95
CE MSE B 187 17.20 -7.22 9.53
N ALA B 188 12.02 -9.84 7.54
CA ALA B 188 11.13 -10.56 8.40
C ALA B 188 10.99 -11.96 7.78
N MSE B 189 10.97 -12.04 6.45
CA MSE B 189 10.90 -13.34 5.76
C MSE B 189 12.19 -14.14 5.85
O MSE B 189 12.14 -15.33 6.04
CB MSE B 189 10.52 -13.18 4.27
CG MSE B 189 9.19 -12.47 4.15
SE MSE B 189 8.81 -12.24 2.22
CE MSE B 189 8.60 -14.10 1.58
N ASP B 190 13.33 -13.45 5.71
CA ASP B 190 14.62 -14.11 5.83
C ASP B 190 14.81 -14.74 7.21
N HIS B 191 14.34 -14.10 8.28
CA HIS B 191 14.73 -14.57 9.61
C HIS B 191 13.63 -15.08 10.52
N ALA B 192 12.40 -15.19 10.04
CA ALA B 192 11.30 -15.77 10.87
C ALA B 192 11.68 -17.17 11.45
N LYS B 193 12.35 -17.98 10.63
CA LYS B 193 12.66 -19.36 11.00
C LYS B 193 13.64 -19.41 12.21
N GLU B 194 14.40 -18.32 12.42
CA GLU B 194 15.29 -18.10 13.58
C GLU B 194 14.60 -17.48 14.81
N GLY B 195 13.27 -17.29 14.76
CA GLY B 195 12.57 -16.62 15.87
C GLY B 195 12.93 -15.15 15.96
N ILE B 196 13.31 -14.54 14.82
CA ILE B 196 13.62 -13.11 14.83
C ILE B 196 12.48 -12.34 14.10
N ARG B 197 11.81 -11.43 14.77
CA ARG B 197 10.79 -10.60 14.19
C ARG B 197 11.44 -9.28 13.71
N VAL B 198 10.95 -8.72 12.60
CA VAL B 198 11.56 -7.48 12.08
C VAL B 198 10.39 -6.61 11.68
N ASN B 199 10.29 -5.44 12.28
CA ASN B 199 9.24 -4.50 11.96
C ASN B 199 9.84 -3.12 11.88
N ALA B 200 9.00 -2.15 11.52
CA ALA B 200 9.50 -0.76 11.42
C ALA B 200 8.46 0.20 11.97
N VAL B 201 8.87 1.33 12.49
CA VAL B 201 7.95 2.35 12.82
C VAL B 201 8.03 3.43 11.71
N ALA B 202 6.88 3.98 11.32
CA ALA B 202 6.79 5.15 10.38
C ALA B 202 6.33 6.41 11.16
N PRO B 203 7.27 7.20 11.66
CA PRO B 203 6.87 8.39 12.44
C PRO B 203 6.40 9.49 11.47
N GLY B 204 5.53 10.38 11.96
CA GLY B 204 5.28 11.64 11.26
C GLY B 204 6.40 12.66 11.46
N THR B 205 6.05 13.95 11.44
CA THR B 205 7.04 14.97 11.65
C THR B 205 7.25 15.10 13.15
N ILE B 206 8.51 15.00 13.61
CA ILE B 206 8.76 14.91 15.07
C ILE B 206 9.50 16.15 15.59
N ASP B 207 8.93 16.84 16.58
CA ASP B 207 9.52 18.11 17.08
C ASP B 207 10.91 17.78 17.63
N SER B 208 11.86 18.70 17.43
CA SER B 208 13.23 18.43 17.81
C SER B 208 13.97 19.77 17.91
N PRO B 209 15.18 19.81 18.56
CA PRO B 209 16.01 21.05 18.55
C PRO B 209 16.24 21.63 17.15
N TYR B 210 16.40 20.79 16.15
CA TYR B 210 16.48 21.25 14.77
C TYR B 210 15.32 22.18 14.38
N PHE B 211 14.12 21.81 14.84
CA PHE B 211 12.96 22.61 14.56
C PHE B 211 12.94 23.89 15.35
N THR B 212 13.19 23.81 16.66
CA THR B 212 13.39 25.01 17.51
C THR B 212 14.32 26.08 16.87
N LYS B 213 15.43 25.63 16.28
CA LYS B 213 16.34 26.45 15.48
C LYS B 213 15.69 26.99 14.18
N ILE B 214 15.32 26.11 13.23
CA ILE B 214 14.70 26.50 11.97
C ILE B 214 13.59 27.57 12.15
N PHE B 215 12.86 27.50 13.29
CA PHE B 215 11.82 28.48 13.59
C PHE B 215 12.42 29.87 13.87
N ALA B 216 13.13 30.00 15.01
CA ALA B 216 13.63 31.31 15.51
C ALA B 216 14.82 31.95 14.73
N ASP B 220 8.65 34.54 9.57
CA ASP B 220 7.67 34.40 10.64
C ASP B 220 7.87 33.03 11.29
N PRO B 221 8.26 33.01 12.60
CA PRO B 221 8.27 31.73 13.36
C PRO B 221 6.91 31.01 13.44
N ALA B 222 5.88 31.70 13.95
CA ALA B 222 4.56 31.10 14.20
C ALA B 222 3.97 30.42 12.97
N LYS B 223 4.17 31.05 11.80
CA LYS B 223 3.69 30.56 10.53
C LYS B 223 4.40 29.25 10.18
N LEU B 224 5.74 29.28 10.28
CA LEU B 224 6.58 28.13 9.96
C LEU B 224 6.13 26.93 10.80
N ARG B 225 5.97 27.12 12.10
CA ARG B 225 5.58 26.03 12.98
C ARG B 225 4.22 25.45 12.47
N SER B 226 3.34 26.37 12.09
CA SER B 226 1.98 26.08 11.66
C SER B 226 1.97 25.25 10.35
N ASP B 227 2.89 25.50 9.45
CA ASP B 227 3.01 24.70 8.20
C ASP B 227 3.48 23.25 8.48
N PHE B 228 4.48 23.10 9.36
CA PHE B 228 4.89 21.75 9.77
C PHE B 228 3.76 21.07 10.58
N ASN B 229 3.05 21.80 11.43
CA ASN B 229 1.94 21.23 12.15
C ASN B 229 0.86 20.69 11.20
N ALA B 230 0.63 21.43 10.10
CA ALA B 230 -0.44 21.15 9.11
C ALA B 230 -0.19 19.91 8.29
N ARG B 231 1.01 19.37 8.33
CA ARG B 231 1.27 18.08 7.67
C ARG B 231 0.36 16.97 8.23
N ALA B 232 0.07 17.02 9.53
CA ALA B 232 -0.80 16.04 10.18
C ALA B 232 -2.25 16.49 10.23
N VAL B 233 -3.17 15.55 10.05
CA VAL B 233 -4.57 15.85 10.32
C VAL B 233 -4.79 16.28 11.77
N MSE B 234 -3.96 15.79 12.71
CA MSE B 234 -4.12 16.24 14.09
C MSE B 234 -3.53 17.65 14.27
O MSE B 234 -3.51 18.17 15.37
CB MSE B 234 -3.36 15.27 14.98
CG MSE B 234 -4.05 13.93 14.98
SE MSE B 234 -3.26 12.67 16.36
CE MSE B 234 -2.84 13.88 17.70
N ASP B 235 -2.97 18.21 13.19
CA ASP B 235 -2.46 19.60 13.25
C ASP B 235 -1.41 19.90 14.36
N ARG B 236 -0.53 18.93 14.65
CA ARG B 236 0.65 19.16 15.48
C ARG B 236 1.75 18.28 14.96
N MSE B 237 2.96 18.53 15.46
CA MSE B 237 4.05 17.60 15.32
C MSE B 237 4.03 16.53 16.38
O MSE B 237 3.45 16.76 17.44
CB MSE B 237 5.38 18.34 15.35
CG MSE B 237 5.65 19.05 14.03
SE MSE B 237 7.41 20.00 14.14
CE MSE B 237 6.93 21.18 15.48
N GLY B 238 4.64 15.35 16.13
CA GLY B 238 4.74 14.31 17.16
C GLY B 238 5.90 14.59 18.12
N THR B 239 6.01 13.80 19.20
CA THR B 239 7.18 13.90 20.08
C THR B 239 8.04 12.62 20.00
N ALA B 240 9.33 12.73 20.35
CA ALA B 240 10.18 11.56 20.34
C ALA B 240 9.59 10.51 21.29
N GLU B 241 9.08 10.95 22.45
CA GLU B 241 8.54 10.01 23.46
C GLU B 241 7.35 9.20 22.92
N GLU B 242 6.52 9.85 22.08
CA GLU B 242 5.40 9.16 21.41
C GLU B 242 5.88 8.01 20.48
N ILE B 243 6.91 8.28 19.67
CA ILE B 243 7.45 7.19 18.79
C ILE B 243 8.09 6.08 19.69
N ALA B 244 8.77 6.49 20.76
CA ALA B 244 9.38 5.48 21.65
C ALA B 244 8.37 4.46 22.16
N GLU B 245 7.14 4.89 22.42
CA GLU B 245 6.06 3.94 22.83
C GLU B 245 5.80 2.92 21.75
N ALA B 246 5.82 3.34 20.49
CA ALA B 246 5.70 2.36 19.41
C ALA B 246 6.92 1.41 19.32
N MSE B 247 8.13 1.96 19.49
CA MSE B 247 9.32 1.08 19.55
C MSE B 247 9.13 0.05 20.65
O MSE B 247 9.47 -1.14 20.48
CB MSE B 247 10.60 1.87 19.84
CG MSE B 247 10.91 2.99 18.85
SE MSE B 247 11.49 2.15 17.18
CE MSE B 247 11.99 3.80 16.18
N LEU B 248 8.61 0.48 21.80
CA LEU B 248 8.52 -0.44 22.96
C LEU B 248 7.44 -1.52 22.69
N PHE B 249 6.34 -1.16 22.01
CA PHE B 249 5.35 -2.20 21.67
C PHE B 249 6.04 -3.32 20.81
N LEU B 250 6.76 -2.87 19.79
CA LEU B 250 7.33 -3.78 18.82
C LEU B 250 8.53 -4.55 19.40
N ALA B 251 9.22 -3.99 20.40
CA ALA B 251 10.31 -4.69 21.11
C ALA B 251 9.85 -5.79 22.06
N SER B 252 8.69 -5.60 22.63
CA SER B 252 8.20 -6.36 23.76
C SER B 252 7.34 -7.49 23.29
N ASP B 253 6.97 -8.34 24.26
CA ASP B 253 6.19 -9.53 23.94
C ASP B 253 4.74 -9.17 23.62
N ARG B 254 4.32 -7.92 23.83
CA ARG B 254 2.96 -7.52 23.43
C ARG B 254 2.76 -7.57 21.90
N SER B 255 3.86 -7.69 21.11
CA SER B 255 3.68 -7.76 19.67
C SER B 255 4.25 -9.04 19.11
N ARG B 256 4.26 -10.14 19.87
CA ARG B 256 4.92 -11.34 19.35
C ARG B 256 4.34 -11.96 18.08
N PHE B 257 3.11 -11.62 17.68
CA PHE B 257 2.58 -12.11 16.40
C PHE B 257 2.77 -11.09 15.25
N ALA B 258 3.62 -10.08 15.48
CA ALA B 258 3.77 -9.06 14.43
C ALA B 258 5.16 -9.20 13.85
N THR B 259 5.23 -9.42 12.53
CA THR B 259 6.52 -9.34 11.89
C THR B 259 6.30 -8.88 10.45
N GLY B 260 7.29 -8.21 9.91
CA GLY B 260 7.23 -7.66 8.55
C GLY B 260 6.38 -6.43 8.47
N SER B 261 6.01 -5.86 9.60
CA SER B 261 4.99 -4.83 9.56
C SER B 261 5.56 -3.41 9.68
N ILE B 262 4.74 -2.46 9.24
CA ILE B 262 5.04 -1.03 9.41
C ILE B 262 3.94 -0.49 10.34
N LEU B 263 4.36 -0.01 11.50
CA LEU B 263 3.53 0.60 12.49
C LEU B 263 3.70 2.18 12.35
N THR B 264 2.65 2.81 11.88
CA THR B 264 2.64 4.23 11.61
C THR B 264 2.10 5.04 12.79
N VAL B 265 2.88 5.99 13.21
CA VAL B 265 2.51 6.93 14.22
C VAL B 265 2.79 8.37 13.73
N ASP B 266 1.87 8.94 12.94
CA ASP B 266 2.17 10.13 12.15
C ASP B 266 1.13 11.25 12.18
N GLY B 267 0.27 11.16 13.16
CA GLY B 267 -0.81 12.09 13.33
C GLY B 267 -1.73 12.18 12.14
N GLY B 268 -1.82 11.10 11.38
CA GLY B 268 -2.48 11.05 10.12
C GLY B 268 -1.84 11.97 9.09
N SER B 269 -0.54 11.88 8.85
CA SER B 269 0.13 12.68 7.79
C SER B 269 0.16 11.96 6.42
N SER B 270 -0.04 10.64 6.45
CA SER B 270 0.07 9.87 5.18
C SER B 270 -1.29 9.24 4.79
N ILE B 271 -2.42 9.74 5.30
CA ILE B 271 -3.71 9.03 5.14
C ILE B 271 -4.65 9.66 4.12
N GLY B 272 -4.22 10.78 3.58
CA GLY B 272 -5.02 11.48 2.58
C GLY B 272 -4.79 13.00 2.76
N ASN B 273 -5.23 13.80 1.80
CA ASN B 273 -4.88 15.20 1.84
C ASN B 273 -6.00 15.94 2.55
N HIS B 274 -5.77 16.34 3.79
CA HIS B 274 -6.80 17.00 4.58
C HIS B 274 -6.74 18.53 4.34
N LEU B 275 -5.67 19.00 3.69
CA LEU B 275 -5.63 20.40 3.32
C LEU B 275 -6.49 20.71 2.07
N GLN C 21 0.50 -5.37 36.95
CA GLN C 21 -0.69 -5.00 36.07
C GLN C 21 -0.69 -3.58 35.50
N SER C 22 -0.45 -3.45 34.19
CA SER C 22 -0.65 -2.18 33.53
C SER C 22 -2.09 -1.68 33.74
N MSE C 23 -2.23 -0.38 33.88
CA MSE C 23 -3.54 0.26 34.01
C MSE C 23 -3.66 1.31 32.86
O MSE C 23 -3.95 2.50 33.08
CB MSE C 23 -3.67 0.89 35.39
CG MSE C 23 -3.53 -0.17 36.48
SE MSE C 23 -5.23 -1.24 36.55
CE MSE C 23 -6.17 0.13 37.54
N ASP C 24 -3.53 0.84 31.64
CA ASP C 24 -3.51 1.74 30.47
C ASP C 24 -4.84 2.37 30.14
N LEU C 25 -5.96 1.87 30.69
CA LEU C 25 -7.29 2.42 30.39
C LEU C 25 -8.04 2.74 31.71
N ASN C 26 -7.32 3.17 32.68
CA ASN C 26 -7.90 3.22 34.04
C ASN C 26 -9.04 4.26 34.03
N GLN C 27 -10.21 3.79 34.40
CA GLN C 27 -11.42 4.60 34.51
C GLN C 27 -12.00 5.04 33.18
N ARG C 28 -11.43 4.59 32.07
CA ARG C 28 -11.98 4.94 30.74
C ARG C 28 -13.18 4.06 30.42
N VAL C 29 -14.19 4.64 29.79
CA VAL C 29 -15.37 3.87 29.40
C VAL C 29 -15.25 3.33 27.95
N CYS C 30 -15.32 2.01 27.81
CA CYS C 30 -14.98 1.33 26.58
C CYS C 30 -16.07 0.43 26.12
N ILE C 31 -16.53 0.65 24.88
CA ILE C 31 -17.53 -0.25 24.30
C ILE C 31 -16.83 -1.23 23.39
N VAL C 32 -17.08 -2.54 23.58
CA VAL C 32 -16.53 -3.53 22.70
C VAL C 32 -17.67 -4.29 22.00
N THR C 33 -17.82 -4.13 20.68
CA THR C 33 -18.81 -5.00 19.97
C THR C 33 -18.21 -6.36 19.57
N GLY C 34 -19.06 -7.38 19.44
CA GLY C 34 -18.49 -8.71 19.24
C GLY C 34 -17.85 -9.18 20.56
N GLY C 35 -18.18 -8.54 21.69
CA GLY C 35 -17.48 -8.89 22.95
C GLY C 35 -17.73 -10.26 23.56
N GLY C 36 -18.74 -11.00 23.09
CA GLY C 36 -19.06 -12.31 23.64
C GLY C 36 -18.12 -13.48 23.30
N SER C 37 -17.20 -13.29 22.33
CA SER C 37 -16.34 -14.38 21.92
C SER C 37 -15.09 -13.84 21.24
N GLY C 38 -14.10 -14.73 21.09
CA GLY C 38 -12.95 -14.48 20.21
C GLY C 38 -12.20 -13.17 20.58
N ILE C 39 -11.91 -12.37 19.57
CA ILE C 39 -11.01 -11.24 19.75
C ILE C 39 -11.75 -10.25 20.66
N GLY C 40 -13.04 -10.11 20.46
CA GLY C 40 -13.85 -9.06 21.17
C GLY C 40 -13.91 -9.38 22.68
N ARG C 41 -13.99 -10.67 23.00
CA ARG C 41 -13.96 -11.08 24.40
C ARG C 41 -12.60 -10.85 25.01
N ALA C 42 -11.52 -11.29 24.32
CA ALA C 42 -10.17 -11.05 24.84
C ALA C 42 -9.89 -9.58 24.99
N THR C 43 -10.48 -8.76 24.15
CA THR C 43 -10.25 -7.34 24.24
C THR C 43 -11.02 -6.78 25.46
N ALA C 44 -12.28 -7.21 25.64
CA ALA C 44 -13.07 -6.77 26.80
C ALA C 44 -12.36 -7.14 28.11
N GLU C 45 -11.85 -8.36 28.24
CA GLU C 45 -11.11 -8.78 29.41
C GLU C 45 -9.83 -8.02 29.63
N LEU C 46 -9.03 -7.81 28.56
CA LEU C 46 -7.79 -7.09 28.71
C LEU C 46 -8.06 -5.60 29.12
N PHE C 47 -9.07 -5.00 28.54
CA PHE C 47 -9.41 -3.63 28.83
C PHE C 47 -9.81 -3.53 30.32
N ALA C 48 -10.65 -4.44 30.77
CA ALA C 48 -11.04 -4.41 32.17
C ALA C 48 -9.81 -4.62 33.12
N LYS C 49 -8.92 -5.56 32.80
CA LYS C 49 -7.66 -5.74 33.58
C LYS C 49 -6.83 -4.48 33.60
N ASN C 50 -6.92 -3.68 32.53
CA ASN C 50 -6.27 -2.36 32.48
C ASN C 50 -7.13 -1.24 33.03
N GLY C 51 -8.18 -1.59 33.82
CA GLY C 51 -8.85 -0.56 34.64
C GLY C 51 -10.13 0.02 34.02
N ALA C 52 -10.52 -0.43 32.83
CA ALA C 52 -11.60 0.19 32.09
C ALA C 52 -12.97 -0.20 32.64
N TYR C 53 -13.95 0.69 32.46
CA TYR C 53 -15.33 0.27 32.53
C TYR C 53 -15.65 -0.25 31.13
N VAL C 54 -16.23 -1.43 31.03
CA VAL C 54 -16.45 -2.06 29.76
C VAL C 54 -17.91 -2.42 29.42
N VAL C 55 -18.32 -2.05 28.23
CA VAL C 55 -19.57 -2.46 27.68
C VAL C 55 -19.32 -3.64 26.77
N VAL C 56 -19.76 -4.80 27.16
CA VAL C 56 -19.66 -5.97 26.32
C VAL C 56 -20.89 -6.05 25.42
N ALA C 57 -20.77 -5.63 24.18
CA ALA C 57 -21.91 -5.67 23.29
C ALA C 57 -21.81 -6.88 22.38
N ASP C 58 -22.91 -7.65 22.20
CA ASP C 58 -22.82 -8.85 21.36
C ASP C 58 -24.13 -9.19 20.70
N VAL C 59 -24.11 -9.78 19.51
CA VAL C 59 -25.39 -10.19 18.87
C VAL C 59 -26.12 -11.27 19.70
N ASN C 60 -25.32 -12.06 20.44
CA ASN C 60 -25.82 -13.06 21.38
C ASN C 60 -25.89 -12.52 22.84
N GLU C 61 -27.09 -12.40 23.36
CA GLU C 61 -27.21 -11.79 24.67
C GLU C 61 -26.48 -12.57 25.75
N ASP C 62 -26.68 -13.88 25.75
CA ASP C 62 -26.06 -14.75 26.77
C ASP C 62 -24.55 -14.65 26.78
N ALA C 63 -23.96 -14.62 25.58
CA ALA C 63 -22.49 -14.59 25.48
C ALA C 63 -21.97 -13.25 26.05
N ALA C 64 -22.66 -12.13 25.83
CA ALA C 64 -22.25 -10.80 26.32
C ALA C 64 -22.32 -10.77 27.87
N VAL C 65 -23.40 -11.28 28.41
CA VAL C 65 -23.61 -11.27 29.84
C VAL C 65 -22.65 -12.20 30.56
N ARG C 66 -22.30 -13.30 29.94
CA ARG C 66 -21.36 -14.24 30.50
C ARG C 66 -20.03 -13.57 30.70
N VAL C 67 -19.56 -12.91 29.66
CA VAL C 67 -18.30 -12.25 29.72
C VAL C 67 -18.36 -11.10 30.70
N ALA C 68 -19.42 -10.34 30.67
CA ALA C 68 -19.51 -9.22 31.60
C ALA C 68 -19.59 -9.73 33.06
N ASN C 69 -20.26 -10.87 33.24
CA ASN C 69 -20.36 -11.42 34.64
C ASN C 69 -19.01 -11.88 35.15
N GLU C 70 -18.22 -12.47 34.26
CA GLU C 70 -16.89 -12.94 34.64
C GLU C 70 -15.98 -11.76 34.92
N ILE C 71 -16.14 -10.68 34.16
CA ILE C 71 -15.36 -9.51 34.46
C ILE C 71 -15.80 -8.94 35.82
N GLY C 72 -17.09 -8.91 36.11
CA GLY C 72 -17.54 -8.34 37.37
C GLY C 72 -18.20 -7.00 37.29
N SER C 73 -18.24 -6.23 38.41
CA SER C 73 -18.98 -4.99 38.44
C SER C 73 -18.56 -3.86 37.51
N LYS C 74 -17.34 -3.87 36.97
CA LYS C 74 -16.90 -2.77 36.05
C LYS C 74 -17.31 -2.97 34.54
N ALA C 75 -18.10 -4.03 34.30
CA ALA C 75 -18.64 -4.43 32.97
C ALA C 75 -20.15 -4.68 32.98
N PHE C 76 -20.84 -4.41 31.88
CA PHE C 76 -22.18 -4.95 31.67
C PHE C 76 -22.27 -5.49 30.24
N GLY C 77 -23.17 -6.45 30.02
CA GLY C 77 -23.36 -7.17 28.76
C GLY C 77 -24.68 -6.66 28.23
N VAL C 78 -24.79 -6.44 26.92
CA VAL C 78 -25.97 -5.90 26.33
C VAL C 78 -26.07 -6.59 24.99
N ARG C 79 -27.30 -6.97 24.59
CA ARG C 79 -27.54 -7.56 23.27
C ARG C 79 -27.54 -6.49 22.20
N VAL C 80 -26.61 -6.63 21.26
CA VAL C 80 -26.64 -5.74 20.12
C VAL C 80 -26.28 -6.35 18.77
N ASP C 81 -27.20 -6.14 17.81
CA ASP C 81 -26.99 -6.46 16.43
C ASP C 81 -26.54 -5.16 15.82
N VAL C 82 -25.25 -5.07 15.48
CA VAL C 82 -24.67 -3.81 15.10
C VAL C 82 -25.22 -3.33 13.75
N SER C 83 -25.90 -4.22 13.04
CA SER C 83 -26.59 -3.84 11.78
C SER C 83 -27.91 -3.10 12.07
N SER C 84 -28.32 -3.07 13.34
CA SER C 84 -29.60 -2.38 13.65
C SER C 84 -29.38 -1.00 14.28
N ALA C 85 -29.93 0.03 13.66
CA ALA C 85 -29.71 1.40 14.14
C ALA C 85 -30.32 1.56 15.52
N LYS C 86 -31.42 0.87 15.74
CA LYS C 86 -32.07 0.95 17.04
C LYS C 86 -31.24 0.35 18.16
N ASP C 87 -30.63 -0.83 17.91
CA ASP C 87 -29.82 -1.50 18.90
C ASP C 87 -28.56 -0.68 19.16
N ALA C 88 -28.00 -0.12 18.11
CA ALA C 88 -26.74 0.67 18.27
C ALA C 88 -27.03 1.91 19.03
N GLU C 89 -28.13 2.59 18.73
CA GLU C 89 -28.43 3.75 19.53
C GLU C 89 -28.74 3.44 20.99
N SER C 90 -29.52 2.40 21.22
CA SER C 90 -29.86 1.94 22.55
C SER C 90 -28.60 1.61 23.34
N MSE C 91 -27.68 0.88 22.72
CA MSE C 91 -26.40 0.59 23.36
C MSE C 91 -25.70 1.85 23.93
O MSE C 91 -25.22 1.89 25.09
CB MSE C 91 -25.48 -0.18 22.41
CG MSE C 91 -23.99 -0.33 22.86
SE MSE C 91 -22.86 -1.02 21.26
CE MSE C 91 -22.69 0.72 20.28
N VAL C 92 -25.61 2.88 23.14
CA VAL C 92 -24.92 4.10 23.57
C VAL C 92 -25.68 4.80 24.72
N GLU C 93 -27.01 4.89 24.59
CA GLU C 93 -27.88 5.41 25.64
C GLU C 93 -27.73 4.65 26.98
N LYS C 94 -27.64 3.34 26.92
CA LYS C 94 -27.38 2.58 28.13
C LYS C 94 -26.03 2.88 28.75
N THR C 95 -25.02 3.10 27.89
CA THR C 95 -23.63 3.38 28.35
C THR C 95 -23.55 4.69 29.08
N THR C 96 -24.06 5.74 28.45
CA THR C 96 -24.02 7.08 29.03
C THR C 96 -24.97 7.20 30.26
N ALA C 97 -26.11 6.47 30.27
CA ALA C 97 -26.94 6.37 31.49
C ALA C 97 -26.15 5.82 32.65
N LYS C 98 -25.38 4.76 32.42
CA LYS C 98 -24.63 4.18 33.51
C LYS C 98 -23.39 5.01 33.89
N TRP C 99 -22.66 5.54 32.91
CA TRP C 99 -21.28 6.00 33.19
C TRP C 99 -21.03 7.36 32.59
N GLY C 100 -21.98 7.92 31.86
CA GLY C 100 -21.95 9.35 31.54
C GLY C 100 -20.99 9.77 30.43
N ARG C 101 -20.22 8.83 29.84
CA ARG C 101 -19.20 9.23 28.82
C ARG C 101 -18.79 7.99 28.00
N VAL C 102 -18.15 8.18 26.82
CA VAL C 102 -17.61 7.02 26.09
C VAL C 102 -16.20 7.44 25.64
N ASP C 103 -15.19 6.66 26.05
CA ASP C 103 -13.79 7.00 25.75
C ASP C 103 -13.30 6.17 24.57
N VAL C 104 -13.79 4.95 24.43
CA VAL C 104 -13.23 3.99 23.46
C VAL C 104 -14.38 3.22 22.84
N LEU C 105 -14.34 3.06 21.51
CA LEU C 105 -15.23 2.15 20.86
C LEU C 105 -14.38 1.12 20.04
N VAL C 106 -14.53 -0.17 20.35
CA VAL C 106 -13.89 -1.21 19.58
C VAL C 106 -15.00 -1.83 18.73
N ASN C 107 -14.89 -1.69 17.41
CA ASN C 107 -15.81 -2.38 16.50
C ASN C 107 -15.26 -3.71 16.13
N ASN C 108 -15.72 -4.78 16.78
CA ASN C 108 -15.22 -6.10 16.46
C ASN C 108 -16.28 -7.13 15.96
N ALA C 109 -17.56 -6.78 15.97
CA ALA C 109 -18.62 -7.61 15.35
C ALA C 109 -18.37 -7.85 13.88
N GLY C 110 -18.51 -9.08 13.46
CA GLY C 110 -18.02 -9.38 12.11
C GLY C 110 -18.08 -10.84 11.79
N PHE C 111 -18.31 -11.21 10.53
CA PHE C 111 -18.28 -12.61 10.19
C PHE C 111 -17.91 -12.73 8.73
N GLY C 112 -17.44 -13.93 8.39
CA GLY C 112 -17.20 -14.29 7.00
C GLY C 112 -17.83 -15.60 6.62
N THR C 113 -17.74 -15.84 5.34
CA THR C 113 -18.35 -16.95 4.65
C THR C 113 -17.40 -17.41 3.49
N THR C 114 -17.60 -18.63 2.96
CA THR C 114 -16.74 -19.10 1.86
C THR C 114 -17.60 -18.94 0.58
N GLY C 115 -16.94 -18.77 -0.55
CA GLY C 115 -17.64 -18.72 -1.86
C GLY C 115 -16.95 -17.55 -2.65
N ASN C 116 -17.35 -17.39 -3.89
CA ASN C 116 -16.87 -16.29 -4.77
C ASN C 116 -18.08 -15.47 -5.31
N VAL C 117 -17.88 -14.46 -6.20
CA VAL C 117 -19.09 -13.74 -6.61
C VAL C 117 -20.13 -14.63 -7.29
N VAL C 118 -19.70 -15.73 -7.91
CA VAL C 118 -20.67 -16.60 -8.56
C VAL C 118 -21.42 -17.43 -7.51
N THR C 119 -20.76 -17.94 -6.49
CA THR C 119 -21.50 -18.86 -5.60
C THR C 119 -22.10 -18.27 -4.33
N ILE C 120 -21.63 -17.08 -3.93
CA ILE C 120 -22.16 -16.42 -2.73
C ILE C 120 -23.56 -15.88 -2.96
N PRO C 121 -24.53 -16.25 -2.06
CA PRO C 121 -25.89 -15.80 -2.36
C PRO C 121 -26.02 -14.36 -2.06
N GLU C 122 -26.89 -13.65 -2.78
CA GLU C 122 -26.97 -12.22 -2.64
C GLU C 122 -27.24 -11.88 -1.18
N GLU C 123 -28.08 -12.69 -0.54
CA GLU C 123 -28.52 -12.40 0.84
C GLU C 123 -27.32 -12.42 1.76
N THR C 124 -26.46 -13.43 1.59
CA THR C 124 -25.22 -13.50 2.36
C THR C 124 -24.28 -12.28 2.07
N TRP C 125 -24.11 -11.91 0.80
CA TRP C 125 -23.32 -10.73 0.49
C TRP C 125 -23.82 -9.53 1.33
N ASP C 126 -25.13 -9.30 1.33
CA ASP C 126 -25.68 -8.08 1.97
C ASP C 126 -25.49 -8.17 3.50
N ARG C 127 -25.59 -9.38 4.03
CA ARG C 127 -25.52 -9.52 5.47
C ARG C 127 -24.07 -9.27 5.99
N ILE C 128 -23.11 -9.83 5.28
CA ILE C 128 -21.71 -9.49 5.52
C ILE C 128 -21.43 -7.98 5.44
N MSE C 129 -21.84 -7.30 4.36
CA MSE C 129 -21.65 -5.87 4.32
C MSE C 129 -22.39 -5.16 5.49
O MSE C 129 -21.83 -4.25 6.05
CB MSE C 129 -22.09 -5.27 2.95
CG MSE C 129 -21.31 -5.94 1.80
SE MSE C 129 -19.34 -5.94 2.16
CE MSE C 129 -19.09 -3.98 2.13
N SER C 130 -23.63 -5.58 5.86
CA SER C 130 -24.37 -4.84 6.89
C SER C 130 -23.76 -5.00 8.27
N VAL C 131 -23.29 -6.19 8.63
CA VAL C 131 -22.66 -6.42 9.95
C VAL C 131 -21.20 -5.86 9.90
N ASN C 132 -20.39 -6.28 8.92
CA ASN C 132 -18.99 -5.94 8.97
C ASN C 132 -18.68 -4.45 8.75
N VAL C 133 -19.44 -3.79 7.87
CA VAL C 133 -19.12 -2.39 7.52
C VAL C 133 -20.18 -1.47 8.10
N LYS C 134 -21.45 -1.77 7.83
CA LYS C 134 -22.50 -0.91 8.35
C LYS C 134 -22.46 -0.85 9.91
N GLY C 135 -22.01 -1.91 10.56
CA GLY C 135 -21.99 -1.91 12.03
C GLY C 135 -21.09 -0.82 12.61
N ILE C 136 -19.91 -0.62 11.98
CA ILE C 136 -19.02 0.51 12.26
C ILE C 136 -19.67 1.84 12.11
N PHE C 137 -20.31 2.04 10.96
CA PHE C 137 -21.00 3.30 10.60
C PHE C 137 -22.06 3.59 11.65
N LEU C 138 -22.89 2.59 11.96
CA LEU C 138 -23.98 2.81 12.96
C LEU C 138 -23.51 2.98 14.41
N CYS C 139 -22.59 2.13 14.89
CA CYS C 139 -22.12 2.33 16.25
C CYS C 139 -21.43 3.68 16.39
N SER C 140 -20.62 4.07 15.40
CA SER C 140 -19.88 5.34 15.48
C SER C 140 -20.82 6.52 15.30
N LYS C 141 -21.87 6.36 14.49
CA LYS C 141 -22.86 7.41 14.33
C LYS C 141 -23.41 7.83 15.71
N TYR C 142 -23.63 6.89 16.60
CA TYR C 142 -24.18 7.24 17.91
C TYR C 142 -23.14 7.48 18.97
N VAL C 143 -21.99 6.79 18.86
CA VAL C 143 -20.86 7.04 19.77
C VAL C 143 -20.22 8.42 19.60
N ILE C 144 -20.05 8.85 18.36
CA ILE C 144 -19.24 10.10 18.12
C ILE C 144 -19.83 11.38 18.74
N PRO C 145 -21.17 11.59 18.65
CA PRO C 145 -21.73 12.75 19.39
C PRO C 145 -21.41 12.70 20.91
N VAL C 146 -21.32 11.52 21.50
CA VAL C 146 -20.94 11.44 22.93
C VAL C 146 -19.46 11.81 23.14
N MSE C 147 -18.54 11.18 22.41
CA MSE C 147 -17.15 11.56 22.46
C MSE C 147 -16.94 13.02 22.18
O MSE C 147 -16.09 13.64 22.86
CB MSE C 147 -16.32 10.81 21.42
CG MSE C 147 -16.29 9.38 21.71
SE MSE C 147 -15.08 8.44 20.40
CE MSE C 147 -14.99 6.77 21.42
N ARG C 148 -17.67 13.58 21.22
CA ARG C 148 -17.52 15.03 20.98
C ARG C 148 -17.77 15.87 22.25
N ARG C 149 -18.53 15.36 23.19
CA ARG C 149 -18.81 16.09 24.41
C ARG C 149 -17.92 15.72 25.58
N ASN C 150 -17.16 14.67 25.46
CA ASN C 150 -16.26 14.31 26.49
C ASN C 150 -14.81 14.40 26.12
N GLY C 151 -14.51 15.32 25.25
CA GLY C 151 -13.18 15.59 24.89
C GLY C 151 -12.54 14.63 23.93
N GLY C 152 -13.34 13.88 23.18
CA GLY C 152 -12.81 13.01 22.13
C GLY C 152 -12.67 11.58 22.63
N GLY C 153 -11.80 10.82 22.01
CA GLY C 153 -11.63 9.39 22.34
C GLY C 153 -10.93 8.61 21.22
N SER C 154 -11.12 7.28 21.21
CA SER C 154 -10.36 6.46 20.28
C SER C 154 -11.28 5.37 19.74
N ILE C 155 -11.38 5.29 18.41
CA ILE C 155 -12.25 4.29 17.82
C ILE C 155 -11.31 3.34 17.10
N ILE C 156 -11.52 2.04 17.33
CA ILE C 156 -10.67 1.01 16.74
C ILE C 156 -11.52 -0.01 15.94
N ASN C 157 -11.25 -0.16 14.65
CA ASN C 157 -12.02 -1.09 13.79
C ASN C 157 -11.18 -2.33 13.61
N THR C 158 -11.82 -3.42 13.18
CA THR C 158 -11.15 -4.62 12.90
C THR C 158 -11.14 -4.82 11.38
N THR C 159 -9.98 -4.73 10.73
CA THR C 159 -9.98 -5.02 9.29
C THR C 159 -9.34 -6.46 9.22
N SER C 160 -8.52 -6.78 8.23
CA SER C 160 -7.91 -8.10 8.09
C SER C 160 -6.68 -7.96 7.21
N TYR C 161 -5.73 -8.85 7.37
CA TYR C 161 -4.57 -8.86 6.50
C TYR C 161 -5.04 -9.09 5.05
N THR C 162 -6.22 -9.70 4.91
CA THR C 162 -6.71 -9.99 3.51
C THR C 162 -7.23 -8.70 2.79
N ALA C 163 -7.34 -7.60 3.51
CA ALA C 163 -7.73 -6.32 2.87
C ALA C 163 -6.63 -5.84 1.90
N THR C 164 -5.44 -6.34 2.13
CA THR C 164 -4.19 -6.01 1.45
C THR C 164 -3.73 -7.25 0.69
N SER C 165 -3.78 -8.43 1.31
CA SER C 165 -3.20 -9.59 0.67
C SER C 165 -4.31 -10.60 0.66
N ALA C 166 -5.00 -10.65 -0.46
CA ALA C 166 -6.27 -11.34 -0.58
C ALA C 166 -6.11 -12.84 -0.49
N ILE C 167 -7.18 -13.52 -0.15
CA ILE C 167 -7.25 -14.95 -0.30
C ILE C 167 -8.42 -15.26 -1.21
N ALA C 168 -8.43 -16.47 -1.80
CA ALA C 168 -9.44 -16.90 -2.73
C ALA C 168 -10.60 -17.42 -1.91
N ASP C 169 -11.78 -17.41 -2.48
CA ASP C 169 -12.97 -18.11 -1.94
C ASP C 169 -13.46 -17.56 -0.59
N ARG C 170 -13.27 -16.24 -0.36
CA ARG C 170 -13.89 -15.58 0.79
C ARG C 170 -14.31 -14.21 0.34
N THR C 171 -14.89 -14.06 -0.86
CA THR C 171 -14.77 -12.78 -1.55
C THR C 171 -15.56 -11.69 -0.84
N ALA C 172 -16.76 -12.03 -0.28
CA ALA C 172 -17.53 -10.96 0.35
C ALA C 172 -16.85 -10.45 1.60
N TYR C 173 -16.27 -11.40 2.32
CA TYR C 173 -15.51 -11.11 3.50
C TYR C 173 -14.34 -10.13 3.15
N VAL C 174 -13.58 -10.52 2.14
CA VAL C 174 -12.39 -9.75 1.74
C VAL C 174 -12.81 -8.30 1.26
N ALA C 175 -13.89 -8.23 0.51
CA ALA C 175 -14.42 -6.91 0.10
C ALA C 175 -14.78 -6.09 1.34
N SER C 176 -15.51 -6.71 2.30
CA SER C 176 -15.88 -5.93 3.49
C SER C 176 -14.63 -5.38 4.22
N LYS C 177 -13.52 -6.11 4.23
CA LYS C 177 -12.35 -5.72 5.05
C LYS C 177 -11.67 -4.54 4.35
N GLY C 178 -11.67 -4.50 3.02
CA GLY C 178 -11.10 -3.32 2.36
C GLY C 178 -11.94 -2.07 2.59
N ALA C 179 -13.28 -2.20 2.71
CA ALA C 179 -14.14 -1.10 3.05
C ALA C 179 -13.75 -0.59 4.44
N ILE C 180 -13.46 -1.50 5.37
CA ILE C 180 -13.15 -1.09 6.73
C ILE C 180 -11.83 -0.34 6.80
N SER C 181 -10.83 -0.78 6.07
CA SER C 181 -9.55 -0.08 6.08
C SER C 181 -9.73 1.34 5.49
N SER C 182 -10.40 1.46 4.32
CA SER C 182 -10.62 2.80 3.74
C SER C 182 -11.47 3.70 4.64
N LEU C 183 -12.52 3.16 5.20
CA LEU C 183 -13.37 3.86 6.10
C LEU C 183 -12.59 4.41 7.33
N THR C 184 -11.65 3.64 7.82
CA THR C 184 -10.87 4.03 8.98
C THR C 184 -10.11 5.34 8.63
N ARG C 185 -9.55 5.39 7.44
CA ARG C 185 -8.76 6.57 7.08
C ARG C 185 -9.74 7.74 6.94
N ALA C 186 -10.86 7.56 6.25
CA ALA C 186 -11.85 8.68 6.07
C ALA C 186 -12.34 9.22 7.42
N MSE C 187 -12.72 8.29 8.31
CA MSE C 187 -13.18 8.65 9.63
C MSE C 187 -12.13 9.38 10.42
O MSE C 187 -12.45 10.37 11.11
CB MSE C 187 -13.63 7.38 10.37
CG MSE C 187 -15.07 6.94 9.97
SE MSE C 187 -15.39 5.24 11.02
CE MSE C 187 -15.56 6.06 12.85
N ALA C 188 -10.88 8.96 10.34
CA ALA C 188 -9.85 9.72 11.07
C ALA C 188 -9.77 11.17 10.61
N MSE C 189 -9.86 11.36 9.29
CA MSE C 189 -9.93 12.71 8.71
C MSE C 189 -11.21 13.49 9.08
O MSE C 189 -11.10 14.64 9.41
CB MSE C 189 -9.72 12.65 7.19
CG MSE C 189 -8.31 12.20 6.89
SE MSE C 189 -8.35 12.07 4.87
CE MSE C 189 -8.28 14.00 4.48
N ASP C 190 -12.35 12.82 9.13
CA ASP C 190 -13.65 13.46 9.50
C ASP C 190 -13.63 13.99 10.94
N HIS C 191 -12.97 13.25 11.86
CA HIS C 191 -13.15 13.52 13.30
C HIS C 191 -11.92 13.98 14.06
N ALA C 192 -10.84 14.28 13.33
CA ALA C 192 -9.53 14.61 14.01
C ALA C 192 -9.74 15.90 14.81
N LYS C 193 -10.58 16.76 14.26
CA LYS C 193 -10.75 18.08 14.82
C LYS C 193 -11.46 18.00 16.19
N GLU C 194 -12.28 16.95 16.39
CA GLU C 194 -12.95 16.64 17.63
C GLU C 194 -12.10 15.84 18.63
N GLY C 195 -10.82 15.58 18.36
CA GLY C 195 -10.00 14.82 19.29
C GLY C 195 -10.34 13.34 19.26
N ILE C 196 -10.91 12.86 18.13
CA ILE C 196 -11.27 11.43 17.97
C ILE C 196 -10.29 10.78 17.00
N ARG C 197 -9.51 9.83 17.50
CA ARG C 197 -8.61 9.06 16.65
C ARG C 197 -9.39 7.84 16.16
N VAL C 198 -9.08 7.41 14.93
CA VAL C 198 -9.79 6.24 14.34
C VAL C 198 -8.69 5.42 13.70
N ASN C 199 -8.54 4.18 14.14
CA ASN C 199 -7.43 3.30 13.66
C ASN C 199 -8.06 1.93 13.47
N ALA C 200 -7.32 1.00 12.86
CA ALA C 200 -7.82 -0.38 12.77
C ALA C 200 -6.72 -1.37 13.00
N VAL C 201 -7.08 -2.55 13.49
CA VAL C 201 -6.09 -3.62 13.64
C VAL C 201 -6.31 -4.61 12.46
N ALA C 202 -5.24 -5.08 11.79
CA ALA C 202 -5.35 -6.12 10.71
C ALA C 202 -4.80 -7.46 11.26
N PRO C 203 -5.68 -8.29 11.78
CA PRO C 203 -5.15 -9.59 12.32
C PRO C 203 -4.82 -10.55 11.24
N GLY C 204 -3.95 -11.47 11.55
CA GLY C 204 -3.77 -12.68 10.74
C GLY C 204 -4.87 -13.71 11.05
N THR C 205 -4.60 -15.00 10.73
CA THR C 205 -5.53 -16.08 11.02
C THR C 205 -5.42 -16.35 12.50
N ILE C 206 -6.55 -16.24 13.20
CA ILE C 206 -6.60 -16.35 14.65
C ILE C 206 -7.34 -17.63 15.09
N ASP C 207 -6.68 -18.38 15.96
CA ASP C 207 -7.20 -19.66 16.37
C ASP C 207 -8.41 -19.34 17.18
N SER C 208 -9.40 -20.20 17.02
CA SER C 208 -10.69 -20.05 17.70
C SER C 208 -11.39 -21.43 17.82
N PRO C 209 -12.58 -21.49 18.47
CA PRO C 209 -13.31 -22.77 18.41
C PRO C 209 -13.77 -23.18 16.99
N TYR C 210 -14.02 -22.23 16.10
CA TYR C 210 -14.28 -22.60 14.69
C TYR C 210 -13.17 -23.50 14.19
N PHE C 211 -11.93 -23.19 14.54
CA PHE C 211 -10.82 -23.99 14.03
C PHE C 211 -10.70 -25.30 14.80
N THR C 212 -10.92 -25.28 16.11
CA THR C 212 -10.97 -26.51 16.91
C THR C 212 -11.92 -27.54 16.24
N LYS C 213 -13.15 -27.08 15.92
CA LYS C 213 -14.17 -27.86 15.19
C LYS C 213 -13.70 -28.34 13.85
N ILE C 214 -13.47 -27.44 12.91
CA ILE C 214 -13.16 -27.87 11.55
C ILE C 214 -11.94 -28.79 11.47
N PHE C 215 -11.03 -28.72 12.45
CA PHE C 215 -10.02 -29.75 12.62
C PHE C 215 -10.72 -31.00 13.18
N PRO C 221 -6.18 -34.38 9.71
CA PRO C 221 -6.46 -33.50 10.85
C PRO C 221 -5.32 -32.50 11.16
N ALA C 222 -4.19 -33.01 11.64
CA ALA C 222 -2.99 -32.15 11.82
C ALA C 222 -2.39 -31.52 10.52
N LYS C 223 -2.73 -32.06 9.34
CA LYS C 223 -2.28 -31.49 8.07
C LYS C 223 -3.01 -30.16 7.84
N LEU C 224 -4.28 -30.13 8.25
CA LEU C 224 -5.07 -28.97 7.93
C LEU C 224 -4.73 -27.76 8.85
N ARG C 225 -4.37 -28.05 10.09
CA ARG C 225 -3.85 -27.02 10.99
C ARG C 225 -2.58 -26.49 10.32
N SER C 226 -1.80 -27.41 9.78
CA SER C 226 -0.55 -27.05 9.19
C SER C 226 -0.72 -26.08 7.97
N ASP C 227 -1.79 -26.24 7.20
CA ASP C 227 -2.06 -25.35 6.05
C ASP C 227 -2.47 -23.94 6.47
N PHE C 228 -3.25 -23.85 7.53
CA PHE C 228 -3.55 -22.55 8.16
C PHE C 228 -2.36 -21.88 8.81
N ASN C 229 -1.52 -22.67 9.47
CA ASN C 229 -0.29 -22.14 10.06
C ASN C 229 0.61 -21.56 8.97
N ALA C 230 0.60 -22.21 7.80
CA ALA C 230 1.47 -21.84 6.72
C ALA C 230 1.07 -20.51 6.05
N ARG C 231 -0.08 -19.98 6.39
CA ARG C 231 -0.42 -18.68 5.84
C ARG C 231 0.59 -17.64 6.32
N ALA C 232 1.20 -17.89 7.47
CA ALA C 232 2.07 -16.90 8.13
C ALA C 232 3.48 -17.30 7.94
N VAL C 233 4.34 -16.34 7.64
CA VAL C 233 5.76 -16.69 7.62
C VAL C 233 6.14 -17.25 9.00
N MSE C 234 5.48 -16.81 10.09
CA MSE C 234 5.83 -17.37 11.41
C MSE C 234 5.31 -18.81 11.61
O MSE C 234 5.54 -19.40 12.65
CB MSE C 234 5.25 -16.53 12.56
CG MSE C 234 6.00 -15.19 12.68
SE MSE C 234 5.46 -14.13 14.29
CE MSE C 234 5.18 -15.57 15.48
N ASP C 235 4.56 -19.32 10.64
CA ASP C 235 4.11 -20.72 10.65
C ASP C 235 3.25 -21.11 11.87
N ARG C 236 2.32 -20.21 12.24
CA ARG C 236 1.31 -20.48 13.25
C ARG C 236 0.18 -19.51 13.05
N MSE C 237 -0.95 -19.85 13.65
CA MSE C 237 -2.04 -18.90 13.82
C MSE C 237 -1.80 -18.01 15.04
O MSE C 237 -1.05 -18.43 15.95
CB MSE C 237 -3.31 -19.69 14.02
CG MSE C 237 -3.71 -20.43 12.70
SE MSE C 237 -5.45 -21.32 13.03
CE MSE C 237 -4.72 -22.71 14.00
N GLY C 238 -2.44 -16.82 15.05
CA GLY C 238 -2.37 -15.88 16.18
C GLY C 238 -3.37 -16.30 17.26
N THR C 239 -3.29 -15.64 18.41
CA THR C 239 -4.31 -15.80 19.40
C THR C 239 -5.17 -14.54 19.57
N ALA C 240 -6.38 -14.75 20.10
CA ALA C 240 -7.30 -13.66 20.47
C ALA C 240 -6.54 -12.66 21.38
N GLU C 241 -5.73 -13.18 22.31
CA GLU C 241 -5.03 -12.32 23.27
C GLU C 241 -3.96 -11.44 22.58
N GLU C 242 -3.32 -11.97 21.55
CA GLU C 242 -2.32 -11.23 20.82
C GLU C 242 -2.95 -10.04 20.14
N ILE C 243 -4.12 -10.26 19.54
CA ILE C 243 -4.85 -9.16 18.94
C ILE C 243 -5.35 -8.12 19.96
N ALA C 244 -5.81 -8.58 21.14
CA ALA C 244 -6.27 -7.65 22.18
C ALA C 244 -5.14 -6.74 22.57
N GLU C 245 -3.87 -7.18 22.55
CA GLU C 245 -2.77 -6.28 22.95
C GLU C 245 -2.67 -5.08 21.95
N ALA C 246 -2.94 -5.32 20.67
CA ALA C 246 -2.88 -4.27 19.66
C ALA C 246 -4.08 -3.36 19.88
N MSE C 247 -5.22 -3.91 20.28
CA MSE C 247 -6.41 -3.10 20.49
C MSE C 247 -6.11 -2.19 21.70
O MSE C 247 -6.52 -1.05 21.73
CB MSE C 247 -7.60 -3.96 20.87
CG MSE C 247 -8.04 -5.01 19.83
SE MSE C 247 -8.99 -3.95 18.42
CE MSE C 247 -9.65 -5.48 17.28
N LEU C 248 -5.45 -2.71 22.72
CA LEU C 248 -5.13 -1.89 23.90
C LEU C 248 -4.12 -0.81 23.57
N PHE C 249 -3.12 -1.16 22.77
CA PHE C 249 -2.15 -0.12 22.32
C PHE C 249 -2.93 1.08 21.70
N LEU C 250 -3.82 0.78 20.75
CA LEU C 250 -4.54 1.83 20.04
C LEU C 250 -5.62 2.52 20.92
N ALA C 251 -6.19 1.82 21.91
CA ALA C 251 -7.21 2.43 22.71
C ALA C 251 -6.61 3.42 23.71
N SER C 252 -5.37 3.14 24.09
CA SER C 252 -4.69 3.85 25.17
C SER C 252 -3.95 5.09 24.70
N ASP C 253 -3.48 5.83 25.67
CA ASP C 253 -2.65 6.98 25.42
C ASP C 253 -1.27 6.70 24.85
N ARG C 254 -0.84 5.46 24.87
CA ARG C 254 0.45 5.06 24.35
C ARG C 254 0.54 5.28 22.84
N SER C 255 -0.61 5.51 22.22
CA SER C 255 -0.74 5.71 20.79
C SER C 255 -1.37 7.07 20.43
N ARG C 256 -1.22 8.07 21.28
CA ARG C 256 -1.97 9.30 21.03
C ARG C 256 -1.62 10.01 19.76
N PHE C 257 -0.44 9.77 19.20
CA PHE C 257 -0.13 10.40 17.91
C PHE C 257 -0.53 9.51 16.72
N ALA C 258 -1.27 8.45 16.91
CA ALA C 258 -1.62 7.64 15.77
C ALA C 258 -3.10 7.82 15.39
N THR C 259 -3.33 8.09 14.13
CA THR C 259 -4.71 8.11 13.63
C THR C 259 -4.76 7.81 12.15
N GLY C 260 -5.83 7.17 11.70
CA GLY C 260 -5.99 6.78 10.30
C GLY C 260 -5.13 5.56 9.92
N SER C 261 -4.57 4.86 10.94
CA SER C 261 -3.52 3.89 10.67
C SER C 261 -4.09 2.45 10.73
N ILE C 262 -3.40 1.52 10.11
CA ILE C 262 -3.74 0.14 10.18
C ILE C 262 -2.59 -0.53 10.88
N LEU C 263 -2.89 -1.23 11.96
CA LEU C 263 -1.82 -1.88 12.72
C LEU C 263 -1.95 -3.35 12.47
N THR C 264 -1.00 -3.91 11.71
CA THR C 264 -1.09 -5.32 11.29
C THR C 264 -0.43 -6.23 12.29
N VAL C 265 -1.12 -7.30 12.67
CA VAL C 265 -0.52 -8.27 13.63
C VAL C 265 -0.91 -9.65 13.05
N ASP C 266 -0.14 -10.13 12.08
CA ASP C 266 -0.57 -11.23 11.20
C ASP C 266 0.47 -12.30 11.01
N GLY C 267 1.52 -12.28 11.82
CA GLY C 267 2.56 -13.33 11.74
C GLY C 267 3.29 -13.27 10.40
N GLY C 268 3.18 -12.10 9.72
CA GLY C 268 3.71 -12.05 8.33
C GLY C 268 2.93 -12.81 7.27
N SER C 269 1.59 -12.64 7.22
CA SER C 269 0.73 -13.33 6.30
C SER C 269 0.52 -12.42 5.09
N SER C 270 0.85 -11.12 5.18
CA SER C 270 0.57 -10.16 4.07
C SER C 270 1.85 -9.48 3.52
N ILE C 271 3.03 -10.05 3.77
CA ILE C 271 4.28 -9.30 3.47
C ILE C 271 5.04 -9.81 2.26
N GLY C 272 4.49 -10.86 1.59
CA GLY C 272 5.16 -11.46 0.45
C GLY C 272 5.01 -12.97 0.58
N ASN C 273 5.20 -13.64 -0.55
CA ASN C 273 4.84 -15.02 -0.62
C ASN C 273 6.02 -15.91 -0.12
N HIS C 274 5.96 -16.34 1.14
CA HIS C 274 7.06 -17.17 1.64
C HIS C 274 7.00 -18.62 1.16
N LEU C 275 5.98 -19.01 0.42
CA LEU C 275 5.81 -20.42 0.04
C LEU C 275 6.36 -20.80 -1.33
N VAL C 276 6.73 -19.79 -2.14
CA VAL C 276 7.17 -20.06 -3.54
C VAL C 276 8.49 -20.89 -3.56
N GLN D 21 -6.30 4.85 -36.35
CA GLN D 21 -7.26 4.15 -35.46
C GLN D 21 -6.80 2.72 -35.05
N SER D 22 -6.29 2.63 -33.81
CA SER D 22 -6.02 1.34 -33.16
C SER D 22 -7.28 0.50 -33.13
N MSE D 23 -7.12 -0.81 -33.20
CA MSE D 23 -8.25 -1.66 -33.01
C MSE D 23 -7.94 -2.65 -31.92
O MSE D 23 -7.97 -3.86 -32.17
CB MSE D 23 -8.60 -2.39 -34.30
CG MSE D 23 -8.89 -1.38 -35.42
SE MSE D 23 -10.68 -0.50 -35.19
CE MSE D 23 -11.76 -1.93 -36.09
N ASP D 24 -7.71 -2.13 -30.72
CA ASP D 24 -7.28 -2.98 -29.60
C ASP D 24 -8.36 -3.94 -29.05
N LEU D 25 -9.60 -3.80 -29.48
CA LEU D 25 -10.70 -4.63 -28.98
C LEU D 25 -11.52 -5.12 -30.16
N ASN D 26 -10.84 -5.34 -31.28
CA ASN D 26 -11.55 -5.60 -32.52
C ASN D 26 -12.50 -6.81 -32.37
N GLN D 27 -13.80 -6.66 -32.56
CA GLN D 27 -14.77 -7.80 -32.42
C GLN D 27 -14.93 -8.37 -31.00
N ARG D 28 -14.42 -7.69 -29.99
CA ARG D 28 -14.65 -8.17 -28.60
C ARG D 28 -15.96 -7.65 -28.11
N VAL D 29 -16.68 -8.47 -27.34
CA VAL D 29 -17.96 -8.06 -26.79
C VAL D 29 -17.75 -7.48 -25.40
N CYS D 30 -18.11 -6.20 -25.24
CA CYS D 30 -17.82 -5.47 -23.97
C CYS D 30 -19.06 -4.92 -23.31
N ILE D 31 -19.31 -5.25 -22.06
CA ILE D 31 -20.38 -4.60 -21.39
C ILE D 31 -19.78 -3.46 -20.55
N VAL D 32 -20.40 -2.26 -20.62
CA VAL D 32 -19.98 -1.13 -19.84
C VAL D 32 -21.11 -0.68 -18.99
N THR D 33 -21.08 -0.89 -17.66
CA THR D 33 -22.11 -0.32 -16.77
C THR D 33 -21.80 1.15 -16.36
N GLY D 34 -22.84 1.91 -16.08
CA GLY D 34 -22.74 3.39 -16.02
C GLY D 34 -22.32 4.01 -17.40
N GLY D 35 -22.64 3.31 -18.47
CA GLY D 35 -22.26 3.70 -19.83
C GLY D 35 -22.95 4.93 -20.42
N GLY D 36 -23.99 5.42 -19.75
CA GLY D 36 -24.74 6.63 -20.19
C GLY D 36 -24.09 8.00 -19.96
N SER D 37 -23.06 8.08 -19.11
CA SER D 37 -22.47 9.40 -18.85
C SER D 37 -21.06 9.20 -18.32
N GLY D 38 -20.35 10.32 -18.32
CA GLY D 38 -19.03 10.47 -17.68
C GLY D 38 -18.04 9.39 -18.14
N ILE D 39 -17.38 8.72 -17.20
CA ILE D 39 -16.32 7.76 -17.60
C ILE D 39 -16.85 6.62 -18.44
N GLY D 40 -18.01 6.08 -18.03
CA GLY D 40 -18.50 4.87 -18.72
C GLY D 40 -18.86 5.19 -20.20
N ARG D 41 -19.51 6.35 -20.42
CA ARG D 41 -19.75 6.83 -21.77
C ARG D 41 -18.44 6.94 -22.58
N ALA D 42 -17.43 7.57 -22.00
CA ALA D 42 -16.18 7.84 -22.75
C ALA D 42 -15.55 6.44 -23.00
N THR D 43 -15.75 5.51 -22.07
CA THR D 43 -15.16 4.16 -22.26
C THR D 43 -15.92 3.41 -23.36
N ALA D 44 -17.27 3.49 -23.33
CA ALA D 44 -18.06 2.79 -24.33
C ALA D 44 -17.63 3.26 -25.75
N GLU D 45 -17.55 4.57 -25.91
CA GLU D 45 -17.18 5.21 -27.18
C GLU D 45 -15.79 4.81 -27.60
N LEU D 46 -14.84 4.86 -26.70
CA LEU D 46 -13.46 4.45 -27.06
C LEU D 46 -13.33 2.99 -27.46
N PHE D 47 -14.02 2.11 -26.72
CA PHE D 47 -13.99 0.69 -27.03
C PHE D 47 -14.59 0.52 -28.44
N ALA D 48 -15.66 1.21 -28.72
CA ALA D 48 -16.30 1.01 -30.02
C ALA D 48 -15.36 1.53 -31.14
N LYS D 49 -14.64 2.65 -30.89
CA LYS D 49 -13.64 3.20 -31.83
C LYS D 49 -12.55 2.20 -32.04
N ASN D 50 -12.31 1.39 -31.01
CA ASN D 50 -11.36 0.25 -31.10
C ASN D 50 -11.94 -1.10 -31.60
N GLY D 51 -13.11 -1.03 -32.26
CA GLY D 51 -13.69 -2.21 -32.95
C GLY D 51 -14.53 -3.12 -32.06
N ALA D 52 -14.79 -2.76 -30.79
CA ALA D 52 -15.66 -3.63 -29.93
C ALA D 52 -17.14 -3.57 -30.28
N TYR D 53 -17.86 -4.64 -29.92
CA TYR D 53 -19.28 -4.56 -29.82
C TYR D 53 -19.54 -4.13 -28.39
N VAL D 54 -20.41 -3.12 -28.20
CA VAL D 54 -20.61 -2.56 -26.85
C VAL D 54 -22.05 -2.64 -26.33
N VAL D 55 -22.21 -3.11 -25.11
CA VAL D 55 -23.49 -3.05 -24.47
C VAL D 55 -23.41 -1.89 -23.53
N VAL D 56 -24.22 -0.84 -23.75
CA VAL D 56 -24.15 0.35 -22.91
C VAL D 56 -25.25 0.10 -21.86
N ALA D 57 -24.84 -0.14 -20.59
CA ALA D 57 -25.81 -0.46 -19.60
C ALA D 57 -25.82 0.73 -18.61
N ASP D 58 -26.99 1.29 -18.32
CA ASP D 58 -27.07 2.48 -17.46
C ASP D 58 -28.38 2.42 -16.64
N VAL D 59 -28.35 2.95 -15.42
CA VAL D 59 -29.55 3.12 -14.61
C VAL D 59 -30.65 3.91 -15.40
N ASN D 60 -30.22 4.83 -16.25
CA ASN D 60 -31.17 5.61 -17.04
C ASN D 60 -31.24 5.04 -18.43
N GLU D 61 -32.38 4.45 -18.80
CA GLU D 61 -32.53 3.84 -20.11
C GLU D 61 -32.30 4.78 -21.31
N ASP D 62 -32.80 6.00 -21.20
CA ASP D 62 -32.68 7.04 -22.25
C ASP D 62 -31.20 7.35 -22.47
N ALA D 63 -30.47 7.54 -21.37
CA ALA D 63 -29.02 7.83 -21.46
C ALA D 63 -28.27 6.69 -22.13
N ALA D 64 -28.56 5.44 -21.76
CA ALA D 64 -27.89 4.30 -22.38
C ALA D 64 -28.13 4.23 -23.91
N VAL D 65 -29.40 4.37 -24.27
CA VAL D 65 -29.85 4.37 -25.69
C VAL D 65 -29.25 5.52 -26.49
N ARG D 66 -29.22 6.69 -25.91
CA ARG D 66 -28.56 7.85 -26.53
C ARG D 66 -27.07 7.51 -26.90
N VAL D 67 -26.28 6.93 -25.99
CA VAL D 67 -24.89 6.52 -26.33
C VAL D 67 -24.88 5.35 -27.32
N ALA D 68 -25.72 4.33 -27.14
CA ALA D 68 -25.65 3.25 -28.15
C ALA D 68 -26.00 3.75 -29.58
N ASN D 69 -27.02 4.62 -29.64
CA ASN D 69 -27.44 5.25 -30.91
C ASN D 69 -26.28 6.00 -31.52
N GLU D 70 -25.63 6.82 -30.72
CA GLU D 70 -24.41 7.57 -31.14
C GLU D 70 -23.34 6.65 -31.76
N ILE D 71 -23.04 5.53 -31.13
CA ILE D 71 -22.03 4.60 -31.65
C ILE D 71 -22.49 3.87 -32.90
N GLY D 72 -23.77 3.50 -32.99
CA GLY D 72 -24.27 2.86 -34.22
C GLY D 72 -24.53 1.38 -34.01
N SER D 73 -24.51 0.61 -35.10
CA SER D 73 -25.02 -0.77 -35.01
C SER D 73 -24.13 -1.71 -34.20
N LYS D 74 -22.93 -1.28 -33.81
CA LYS D 74 -22.05 -2.18 -33.03
C LYS D 74 -22.38 -2.03 -31.51
N ALA D 75 -23.40 -1.23 -31.16
CA ALA D 75 -23.77 -1.05 -29.72
C ALA D 75 -25.27 -1.12 -29.48
N PHE D 76 -25.71 -1.61 -28.32
CA PHE D 76 -27.09 -1.39 -27.92
C PHE D 76 -27.14 -0.94 -26.45
N GLY D 77 -28.18 -0.20 -26.09
CA GLY D 77 -28.36 0.32 -24.75
C GLY D 77 -29.41 -0.48 -23.97
N VAL D 78 -29.23 -0.63 -22.67
CA VAL D 78 -30.13 -1.40 -21.88
C VAL D 78 -30.13 -0.73 -20.51
N ARG D 79 -31.33 -0.52 -19.96
CA ARG D 79 -31.51 0.00 -18.62
C ARG D 79 -31.07 -1.08 -17.61
N VAL D 80 -30.15 -0.72 -16.72
CA VAL D 80 -29.80 -1.64 -15.66
C VAL D 80 -29.49 -0.91 -14.39
N ASP D 81 -30.23 -1.28 -13.33
CA ASP D 81 -29.81 -0.94 -11.98
C ASP D 81 -28.91 -2.10 -11.47
N VAL D 82 -27.60 -1.82 -11.31
CA VAL D 82 -26.60 -2.89 -11.04
C VAL D 82 -26.87 -3.47 -9.61
N SER D 83 -27.69 -2.79 -8.82
CA SER D 83 -28.07 -3.31 -7.48
C SER D 83 -29.18 -4.37 -7.58
N SER D 84 -29.70 -4.59 -8.82
CA SER D 84 -30.78 -5.57 -9.03
C SER D 84 -30.31 -6.87 -9.70
N ALA D 85 -30.46 -8.00 -9.02
CA ALA D 85 -30.01 -9.30 -9.54
C ALA D 85 -30.77 -9.53 -10.86
N LYS D 86 -32.05 -9.17 -10.85
CA LYS D 86 -32.88 -9.43 -12.03
C LYS D 86 -32.39 -8.60 -13.21
N ASP D 87 -32.09 -7.33 -13.00
CA ASP D 87 -31.54 -6.48 -14.14
C ASP D 87 -30.20 -6.98 -14.66
N ALA D 88 -29.35 -7.41 -13.75
CA ALA D 88 -27.96 -7.83 -14.07
C ALA D 88 -28.00 -9.14 -14.89
N GLU D 89 -28.79 -10.10 -14.43
CA GLU D 89 -28.88 -11.37 -15.19
C GLU D 89 -29.51 -11.11 -16.55
N SER D 90 -30.54 -10.25 -16.61
CA SER D 90 -31.18 -9.93 -17.89
C SER D 90 -30.27 -9.16 -18.87
N MSE D 91 -29.47 -8.27 -18.35
CA MSE D 91 -28.39 -7.65 -19.15
C MSE D 91 -27.51 -8.71 -19.83
O MSE D 91 -27.28 -8.62 -21.04
CB MSE D 91 -27.49 -6.78 -18.24
CG MSE D 91 -26.25 -6.18 -18.99
SE MSE D 91 -25.18 -5.26 -17.51
CE MSE D 91 -24.28 -6.89 -16.79
N VAL D 92 -27.06 -9.71 -19.08
CA VAL D 92 -26.20 -10.73 -19.63
C VAL D 92 -26.93 -11.56 -20.68
N GLU D 93 -28.20 -11.92 -20.40
CA GLU D 93 -28.98 -12.67 -21.38
C GLU D 93 -29.21 -11.92 -22.74
N LYS D 94 -29.41 -10.60 -22.69
CA LYS D 94 -29.56 -9.84 -23.94
C LYS D 94 -28.25 -9.80 -24.66
N THR D 95 -27.21 -9.63 -23.89
CA THR D 95 -25.86 -9.64 -24.50
C THR D 95 -25.56 -10.94 -25.20
N THR D 96 -25.90 -12.04 -24.55
CA THR D 96 -25.52 -13.30 -25.20
C THR D 96 -26.44 -13.67 -26.39
N ALA D 97 -27.71 -13.32 -26.30
CA ALA D 97 -28.65 -13.54 -27.40
C ALA D 97 -28.17 -12.79 -28.63
N LYS D 98 -27.56 -11.62 -28.42
CA LYS D 98 -27.14 -10.77 -29.52
C LYS D 98 -25.84 -11.24 -30.08
N TRP D 99 -24.82 -11.36 -29.22
CA TRP D 99 -23.44 -11.55 -29.71
C TRP D 99 -22.80 -12.86 -29.24
N GLY D 100 -23.53 -13.65 -28.44
CA GLY D 100 -23.07 -14.98 -28.04
C GLY D 100 -21.94 -15.12 -27.02
N ARG D 101 -21.48 -14.04 -26.44
CA ARG D 101 -20.24 -14.13 -25.61
C ARG D 101 -20.09 -12.83 -24.86
N VAL D 102 -19.21 -12.80 -23.85
CA VAL D 102 -18.83 -11.53 -23.18
C VAL D 102 -17.30 -11.56 -23.04
N ASP D 103 -16.59 -10.59 -23.62
CA ASP D 103 -15.12 -10.66 -23.46
C ASP D 103 -14.66 -9.72 -22.35
N VAL D 104 -15.38 -8.64 -22.14
CA VAL D 104 -14.96 -7.57 -21.22
C VAL D 104 -16.20 -7.10 -20.45
N LEU D 105 -16.01 -6.84 -19.17
CA LEU D 105 -17.02 -6.20 -18.38
C LEU D 105 -16.35 -5.04 -17.67
N VAL D 106 -16.90 -3.84 -17.86
CA VAL D 106 -16.43 -2.64 -17.19
C VAL D 106 -17.51 -2.29 -16.18
N ASN D 107 -17.18 -2.36 -14.88
CA ASN D 107 -18.12 -1.97 -13.82
C ASN D 107 -17.85 -0.53 -13.49
N ASN D 108 -18.66 0.36 -14.07
CA ASN D 108 -18.47 1.78 -13.86
C ASN D 108 -19.68 2.47 -13.20
N ALA D 109 -20.78 1.75 -12.99
CA ALA D 109 -21.98 2.31 -12.33
C ALA D 109 -21.57 2.68 -10.90
N GLY D 110 -21.89 3.85 -10.42
CA GLY D 110 -21.45 4.14 -9.03
C GLY D 110 -21.85 5.55 -8.69
N PHE D 111 -22.00 5.87 -7.42
CA PHE D 111 -22.18 7.27 -7.07
C PHE D 111 -21.62 7.51 -5.64
N GLY D 112 -21.57 8.80 -5.28
CA GLY D 112 -21.20 9.20 -3.90
C GLY D 112 -22.02 10.36 -3.39
N THR D 113 -21.76 10.72 -2.13
CA THR D 113 -22.58 11.61 -1.36
C THR D 113 -21.63 12.32 -0.42
N THR D 114 -22.02 13.46 0.11
CA THR D 114 -21.20 14.18 1.10
C THR D 114 -21.77 13.89 2.46
N GLY D 115 -20.93 13.83 3.47
CA GLY D 115 -21.35 13.56 4.83
C GLY D 115 -20.33 12.62 5.51
N ASN D 116 -20.49 12.38 6.81
CA ASN D 116 -19.59 11.52 7.57
C ASN D 116 -20.46 10.47 8.26
N VAL D 117 -19.92 9.62 9.12
CA VAL D 117 -20.77 8.58 9.68
C VAL D 117 -21.91 9.16 10.55
N VAL D 118 -21.71 10.38 11.07
CA VAL D 118 -22.74 10.97 11.89
C VAL D 118 -23.84 11.53 10.96
N THR D 119 -23.45 12.18 9.87
CA THR D 119 -24.47 12.88 9.07
C THR D 119 -25.05 12.08 7.93
N ILE D 120 -24.40 11.00 7.48
CA ILE D 120 -24.98 10.22 6.37
C ILE D 120 -26.18 9.38 6.84
N PRO D 121 -27.37 9.54 6.21
CA PRO D 121 -28.48 8.69 6.60
C PRO D 121 -28.24 7.24 6.27
N GLU D 122 -28.77 6.36 7.11
CA GLU D 122 -28.56 4.94 6.98
C GLU D 122 -29.01 4.42 5.58
N GLU D 123 -30.11 4.94 5.08
CA GLU D 123 -30.58 4.57 3.73
C GLU D 123 -29.57 4.93 2.62
N THR D 124 -28.97 6.11 2.72
CA THR D 124 -27.96 6.51 1.74
C THR D 124 -26.71 5.61 1.83
N TRP D 125 -26.24 5.35 3.06
CA TRP D 125 -25.14 4.40 3.27
C TRP D 125 -25.40 3.09 2.50
N ASP D 126 -26.60 2.50 2.68
CA ASP D 126 -26.91 1.20 2.08
C ASP D 126 -26.97 1.29 0.60
N ARG D 127 -27.50 2.39 0.09
CA ARG D 127 -27.66 2.54 -1.38
C ARG D 127 -26.28 2.65 -2.04
N ILE D 128 -25.36 3.41 -1.46
CA ILE D 128 -23.98 3.51 -1.93
C ILE D 128 -23.29 2.11 -1.89
N MSE D 129 -23.44 1.38 -0.78
CA MSE D 129 -22.93 -0.01 -0.80
C MSE D 129 -23.61 -0.89 -1.90
O MSE D 129 -22.93 -1.72 -2.50
CB MSE D 129 -22.96 -0.67 0.55
CG MSE D 129 -22.28 0.14 1.65
SE MSE D 129 -20.40 0.71 1.04
CE MSE D 129 -19.47 -0.99 1.20
N SER D 130 -24.91 -0.76 -2.09
CA SER D 130 -25.61 -1.62 -3.09
C SER D 130 -25.19 -1.30 -4.50
N VAL D 131 -25.02 -0.05 -4.86
CA VAL D 131 -24.69 0.23 -6.24
C VAL D 131 -23.18 0.06 -6.48
N ASN D 132 -22.35 0.66 -5.60
CA ASN D 132 -20.90 0.76 -5.90
C ASN D 132 -20.22 -0.59 -5.69
N VAL D 133 -20.65 -1.39 -4.71
CA VAL D 133 -19.92 -2.65 -4.48
C VAL D 133 -20.76 -3.86 -4.87
N LYS D 134 -22.00 -3.92 -4.38
CA LYS D 134 -22.85 -5.07 -4.77
C LYS D 134 -23.06 -5.14 -6.31
N GLY D 135 -22.99 -3.99 -7.00
CA GLY D 135 -23.18 -4.03 -8.47
C GLY D 135 -22.15 -4.83 -9.22
N ILE D 136 -20.89 -4.76 -8.71
CA ILE D 136 -19.74 -5.52 -9.24
C ILE D 136 -20.05 -6.99 -8.98
N PHE D 137 -20.42 -7.29 -7.76
CA PHE D 137 -20.77 -8.63 -7.36
C PHE D 137 -21.86 -9.22 -8.29
N LEU D 138 -22.96 -8.47 -8.51
CA LEU D 138 -24.12 -9.05 -9.31
C LEU D 138 -23.80 -9.12 -10.80
N CYS D 139 -23.20 -8.03 -11.36
CA CYS D 139 -22.86 -8.11 -12.82
C CYS D 139 -21.86 -9.31 -13.06
N SER D 140 -20.90 -9.46 -12.16
CA SER D 140 -19.86 -10.47 -12.34
C SER D 140 -20.43 -11.85 -12.08
N LYS D 141 -21.37 -11.96 -11.11
CA LYS D 141 -22.08 -13.22 -10.84
C LYS D 141 -22.66 -13.78 -12.12
N TYR D 142 -23.17 -12.91 -13.01
CA TYR D 142 -23.83 -13.40 -14.20
C TYR D 142 -22.93 -13.37 -15.42
N VAL D 143 -21.99 -12.44 -15.48
CA VAL D 143 -20.99 -12.44 -16.53
C VAL D 143 -19.98 -13.59 -16.50
N ILE D 144 -19.51 -13.95 -15.29
CA ILE D 144 -18.39 -14.90 -15.25
C ILE D 144 -18.76 -16.30 -15.83
N PRO D 145 -19.98 -16.84 -15.56
CA PRO D 145 -20.38 -18.14 -16.23
C PRO D 145 -20.28 -18.10 -17.74
N VAL D 146 -20.62 -16.96 -18.33
CA VAL D 146 -20.43 -16.81 -19.76
C VAL D 146 -18.92 -16.72 -20.18
N MSE D 147 -18.14 -15.86 -19.50
CA MSE D 147 -16.71 -15.79 -19.77
C MSE D 147 -16.03 -17.13 -19.63
O MSE D 147 -15.21 -17.47 -20.46
CB MSE D 147 -16.04 -14.84 -18.81
CG MSE D 147 -16.17 -13.50 -19.27
SE MSE D 147 -15.12 -12.32 -18.05
CE MSE D 147 -15.69 -10.66 -18.97
N ARG D 148 -16.37 -17.89 -18.58
CA ARG D 148 -15.86 -19.25 -18.42
C ARG D 148 -16.04 -20.10 -19.67
N ARG D 149 -17.09 -19.89 -20.44
CA ARG D 149 -17.35 -20.74 -21.56
C ARG D 149 -16.72 -20.24 -22.82
N ASN D 150 -16.18 -19.03 -22.81
CA ASN D 150 -15.65 -18.46 -24.05
C ASN D 150 -14.18 -18.10 -23.91
N GLY D 151 -13.53 -18.85 -23.03
CA GLY D 151 -12.08 -18.85 -22.85
C GLY D 151 -11.64 -17.71 -21.92
N GLY D 152 -12.54 -17.08 -21.19
CA GLY D 152 -12.10 -16.13 -20.21
C GLY D 152 -12.38 -14.69 -20.68
N GLY D 153 -11.66 -13.75 -20.10
CA GLY D 153 -11.80 -12.33 -20.53
C GLY D 153 -11.29 -11.37 -19.47
N SER D 154 -11.80 -10.14 -19.49
CA SER D 154 -11.22 -9.11 -18.63
C SER D 154 -12.28 -8.31 -17.93
N ILE D 155 -12.12 -8.14 -16.61
CA ILE D 155 -13.15 -7.47 -15.87
C ILE D 155 -12.43 -6.25 -15.26
N ILE D 156 -13.02 -5.07 -15.42
CA ILE D 156 -12.33 -3.87 -14.92
C ILE D 156 -13.30 -3.12 -14.04
N ASN D 157 -12.90 -2.96 -12.80
CA ASN D 157 -13.75 -2.17 -11.85
C ASN D 157 -13.22 -0.75 -11.70
N THR D 158 -14.04 0.13 -11.11
CA THR D 158 -13.66 1.52 -10.94
C THR D 158 -13.52 1.78 -9.45
N THR D 159 -12.30 1.89 -8.98
CA THR D 159 -12.14 2.25 -7.58
C THR D 159 -11.89 3.79 -7.60
N SER D 160 -11.07 4.30 -6.70
CA SER D 160 -10.80 5.72 -6.59
C SER D 160 -9.46 5.96 -5.90
N TYR D 161 -8.75 7.01 -6.27
CA TYR D 161 -7.58 7.39 -5.50
C TYR D 161 -7.88 7.45 -3.99
N THR D 162 -9.09 7.83 -3.62
CA THR D 162 -9.48 7.93 -2.24
C THR D 162 -9.49 6.63 -1.45
N ALA D 163 -9.46 5.51 -2.16
CA ALA D 163 -9.43 4.17 -1.46
C ALA D 163 -8.17 4.07 -0.60
N THR D 164 -7.11 4.74 -1.05
CA THR D 164 -5.77 4.73 -0.51
C THR D 164 -5.46 6.06 0.18
N SER D 165 -5.89 7.17 -0.43
CA SER D 165 -5.57 8.47 0.11
C SER D 165 -6.89 9.18 0.29
N ALA D 166 -7.40 9.14 1.54
CA ALA D 166 -8.80 9.55 1.79
C ALA D 166 -9.05 11.04 1.67
N ILE D 167 -10.29 11.35 1.51
CA ILE D 167 -10.75 12.68 1.73
C ILE D 167 -11.81 12.66 2.80
N ALA D 168 -12.01 13.84 3.39
CA ALA D 168 -13.00 14.03 4.42
C ALA D 168 -14.37 14.23 3.79
N ASP D 169 -15.41 13.84 4.52
CA ASP D 169 -16.78 14.23 4.25
C ASP D 169 -17.31 13.57 2.97
N ARG D 170 -16.74 12.45 2.55
CA ARG D 170 -17.46 11.62 1.54
C ARG D 170 -17.41 10.14 1.99
N THR D 171 -17.75 9.87 3.21
CA THR D 171 -17.23 8.76 3.94
C THR D 171 -17.76 7.43 3.43
N ALA D 172 -19.03 7.39 3.12
CA ALA D 172 -19.63 6.20 2.57
C ALA D 172 -18.99 5.87 1.22
N TYR D 173 -18.87 6.86 0.39
CA TYR D 173 -18.21 6.71 -0.90
C TYR D 173 -16.78 6.11 -0.74
N VAL D 174 -16.01 6.70 0.14
CA VAL D 174 -14.66 6.28 0.39
C VAL D 174 -14.60 4.83 0.83
N ALA D 175 -15.46 4.47 1.75
CA ALA D 175 -15.50 3.08 2.23
C ALA D 175 -15.81 2.18 1.05
N SER D 176 -16.79 2.55 0.24
CA SER D 176 -17.19 1.68 -0.86
C SER D 176 -15.96 1.45 -1.82
N LYS D 177 -15.10 2.49 -2.02
CA LYS D 177 -13.96 2.37 -2.93
C LYS D 177 -12.91 1.44 -2.38
N GLY D 178 -12.74 1.42 -1.05
CA GLY D 178 -11.82 0.46 -0.48
C GLY D 178 -12.33 -0.94 -0.69
N ALA D 179 -13.64 -1.13 -0.63
CA ALA D 179 -14.21 -2.45 -0.82
C ALA D 179 -13.87 -2.88 -2.26
N ILE D 180 -14.01 -1.96 -3.20
CA ILE D 180 -13.82 -2.33 -4.63
C ILE D 180 -12.37 -2.75 -4.87
N SER D 181 -11.43 -2.02 -4.26
CA SER D 181 -10.02 -2.29 -4.40
C SER D 181 -9.70 -3.73 -3.89
N SER D 182 -10.18 -4.10 -2.68
CA SER D 182 -9.90 -5.39 -2.14
C SER D 182 -10.64 -6.52 -2.86
N LEU D 183 -11.84 -6.25 -3.25
CA LEU D 183 -12.64 -7.16 -4.03
C LEU D 183 -11.98 -7.47 -5.38
N THR D 184 -11.42 -6.45 -6.03
CA THR D 184 -10.62 -6.69 -7.26
C THR D 184 -9.48 -7.72 -7.08
N ARG D 185 -8.67 -7.63 -6.00
CA ARG D 185 -7.66 -8.64 -5.71
C ARG D 185 -8.29 -10.02 -5.47
N ALA D 186 -9.34 -10.08 -4.67
CA ALA D 186 -9.94 -11.38 -4.31
C ALA D 186 -10.47 -12.04 -5.58
N MSE D 187 -11.14 -11.26 -6.39
CA MSE D 187 -11.68 -11.81 -7.62
C MSE D 187 -10.63 -12.26 -8.60
O MSE D 187 -10.82 -13.25 -9.34
CB MSE D 187 -12.57 -10.77 -8.30
CG MSE D 187 -13.94 -10.64 -7.73
SE MSE D 187 -14.94 -9.13 -8.65
CE MSE D 187 -15.41 -10.14 -10.33
N ALA D 188 -9.55 -11.49 -8.73
CA ALA D 188 -8.44 -11.90 -9.55
C ALA D 188 -7.93 -13.31 -9.11
N MSE D 189 -7.85 -13.54 -7.80
CA MSE D 189 -7.38 -14.86 -7.33
C MSE D 189 -8.45 -15.93 -7.54
O MSE D 189 -8.11 -17.07 -7.85
CB MSE D 189 -7.03 -14.81 -5.84
CG MSE D 189 -5.86 -13.91 -5.67
SE MSE D 189 -5.51 -13.76 -3.76
CE MSE D 189 -4.93 -15.65 -3.33
N ASP D 190 -9.73 -15.54 -7.45
CA ASP D 190 -10.86 -16.50 -7.59
C ASP D 190 -10.92 -16.99 -9.04
N HIS D 191 -10.61 -16.13 -10.01
CA HIS D 191 -10.97 -16.47 -11.41
C HIS D 191 -9.79 -16.59 -12.37
N ALA D 192 -8.60 -16.47 -11.83
CA ALA D 192 -7.42 -16.63 -12.75
C ALA D 192 -7.33 -17.98 -13.49
N LYS D 193 -7.71 -19.07 -12.81
CA LYS D 193 -7.61 -20.38 -13.40
C LYS D 193 -8.63 -20.50 -14.55
N GLU D 194 -9.59 -19.59 -14.64
CA GLU D 194 -10.55 -19.65 -15.70
C GLU D 194 -10.16 -18.67 -16.89
N GLY D 195 -8.96 -18.09 -16.82
CA GLY D 195 -8.48 -17.15 -17.85
C GLY D 195 -9.19 -15.79 -17.71
N ILE D 196 -9.61 -15.45 -16.49
CA ILE D 196 -10.27 -14.15 -16.30
C ILE D 196 -9.38 -13.24 -15.46
N ARG D 197 -9.03 -12.09 -16.03
CA ARG D 197 -8.20 -11.10 -15.38
C ARG D 197 -9.17 -10.09 -14.70
N VAL D 198 -8.89 -9.64 -13.47
CA VAL D 198 -9.71 -8.65 -12.89
C VAL D 198 -8.76 -7.54 -12.42
N ASN D 199 -9.07 -6.30 -12.73
CA ASN D 199 -8.19 -5.19 -12.35
C ASN D 199 -9.14 -4.01 -12.08
N ALA D 200 -8.61 -2.89 -11.62
CA ALA D 200 -9.42 -1.72 -11.38
C ALA D 200 -8.66 -0.47 -11.78
N VAL D 201 -9.41 0.58 -12.06
CA VAL D 201 -8.75 1.90 -12.41
C VAL D 201 -9.06 2.80 -11.21
N ALA D 202 -8.08 3.54 -10.70
CA ALA D 202 -8.30 4.49 -9.59
C ALA D 202 -8.17 5.90 -10.21
N PRO D 203 -9.30 6.50 -10.62
CA PRO D 203 -9.22 7.85 -11.19
C PRO D 203 -8.98 8.88 -10.07
N GLY D 204 -8.44 10.03 -10.47
CA GLY D 204 -8.47 11.18 -9.58
C GLY D 204 -9.83 11.89 -9.75
N THR D 205 -9.87 13.21 -9.50
CA THR D 205 -11.07 14.00 -9.66
C THR D 205 -11.26 14.29 -11.15
N ILE D 206 -12.42 13.89 -11.66
CA ILE D 206 -12.64 13.95 -13.11
C ILE D 206 -13.69 15.03 -13.43
N ASP D 207 -13.34 15.91 -14.36
CA ASP D 207 -14.26 17.03 -14.68
C ASP D 207 -15.49 16.38 -15.24
N SER D 208 -16.65 17.01 -14.99
CA SER D 208 -17.95 16.45 -15.48
C SER D 208 -19.05 17.49 -15.37
N PRO D 209 -20.25 17.20 -15.94
CA PRO D 209 -21.41 18.16 -15.89
C PRO D 209 -21.85 18.45 -14.46
N TYR D 210 -21.63 17.49 -13.56
CA TYR D 210 -21.78 17.75 -12.15
C TYR D 210 -20.89 18.92 -11.64
N PHE D 211 -19.63 18.91 -12.02
CA PHE D 211 -18.72 19.99 -11.66
C PHE D 211 -19.07 21.31 -12.38
N THR D 212 -19.35 21.25 -13.66
CA THR D 212 -19.97 22.40 -14.38
C THR D 212 -21.16 23.02 -13.58
N LYS D 213 -22.17 22.18 -13.26
CA LYS D 213 -23.33 22.63 -12.44
C LYS D 213 -22.84 23.43 -11.24
N ILE D 214 -22.03 22.86 -10.36
CA ILE D 214 -21.48 23.74 -9.30
C ILE D 214 -20.64 24.97 -9.80
N PHE D 215 -19.88 24.83 -10.88
CA PHE D 215 -19.04 25.99 -11.21
C PHE D 215 -19.93 27.19 -11.65
N ALA D 216 -20.94 26.87 -12.46
CA ALA D 216 -21.99 27.80 -12.86
C ALA D 216 -22.76 28.40 -11.66
N GLU D 217 -22.85 27.68 -10.55
CA GLU D 217 -23.65 28.17 -9.44
C GLU D 217 -22.81 28.48 -8.20
N LYS D 223 -12.49 29.78 -6.30
CA LYS D 223 -11.81 29.12 -5.19
C LYS D 223 -12.16 27.63 -5.20
N LEU D 224 -13.39 27.37 -5.59
CA LEU D 224 -13.91 26.00 -5.55
C LEU D 224 -13.18 25.16 -6.61
N ARG D 225 -13.13 25.69 -7.83
CA ARG D 225 -12.48 25.03 -8.90
C ARG D 225 -10.97 24.90 -8.69
N SER D 226 -10.38 25.96 -8.12
CA SER D 226 -8.98 26.02 -7.87
C SER D 226 -8.75 24.96 -6.85
N ASP D 227 -9.72 24.81 -5.92
CA ASP D 227 -9.55 23.83 -4.86
C ASP D 227 -9.70 22.41 -5.40
N PHE D 228 -10.59 22.16 -6.33
CA PHE D 228 -10.59 20.83 -6.96
C PHE D 228 -9.32 20.52 -7.70
N ASN D 229 -8.84 21.50 -8.51
CA ASN D 229 -7.59 21.34 -9.26
C ASN D 229 -6.46 21.02 -8.30
N ALA D 230 -6.50 21.65 -7.11
CA ALA D 230 -5.37 21.58 -6.20
C ALA D 230 -5.26 20.21 -5.53
N ARG D 231 -6.29 19.35 -5.66
CA ARG D 231 -6.14 17.96 -5.19
C ARG D 231 -4.95 17.20 -5.80
N ALA D 232 -4.66 17.52 -7.07
CA ALA D 232 -3.64 16.80 -7.82
C ALA D 232 -2.35 17.60 -7.85
N VAL D 233 -1.23 16.92 -7.74
CA VAL D 233 0.02 17.65 -7.90
C VAL D 233 0.06 18.22 -9.34
N MSE D 234 -0.60 17.58 -10.31
CA MSE D 234 -0.57 18.23 -11.64
C MSE D 234 -1.45 19.49 -11.72
O MSE D 234 -1.48 20.11 -12.76
CB MSE D 234 -0.97 17.22 -12.71
CG MSE D 234 -0.03 16.06 -12.78
SE MSE D 234 -0.47 14.94 -14.37
CE MSE D 234 -1.13 16.20 -15.57
N ASP D 235 -2.24 19.78 -10.64
CA ASP D 235 -3.04 20.98 -10.48
C ASP D 235 -4.10 21.14 -11.61
N ARG D 236 -4.76 20.03 -11.96
CA ARG D 236 -5.98 20.13 -12.70
C ARG D 236 -6.81 18.91 -12.39
N MSE D 237 -8.00 18.87 -12.95
CA MSE D 237 -8.80 17.64 -12.97
C MSE D 237 -8.50 16.78 -14.14
O MSE D 237 -8.00 17.27 -15.21
CB MSE D 237 -10.30 18.01 -12.92
CG MSE D 237 -10.67 18.53 -11.52
SE MSE D 237 -12.64 19.07 -11.56
CE MSE D 237 -12.35 20.63 -12.53
N GLY D 238 -8.83 15.49 -14.02
CA GLY D 238 -8.75 14.63 -15.21
C GLY D 238 -9.98 14.72 -16.10
N THR D 239 -9.96 14.01 -17.26
CA THR D 239 -11.09 14.00 -18.13
C THR D 239 -11.57 12.56 -18.20
N ALA D 240 -12.83 12.42 -18.55
CA ALA D 240 -13.44 11.10 -18.82
C ALA D 240 -12.60 10.31 -19.84
N GLU D 241 -12.13 10.97 -20.90
CA GLU D 241 -11.30 10.35 -21.95
C GLU D 241 -9.98 9.83 -21.47
N GLU D 242 -9.39 10.52 -20.50
CA GLU D 242 -8.12 10.01 -19.99
C GLU D 242 -8.33 8.69 -19.22
N ILE D 243 -9.44 8.60 -18.47
CA ILE D 243 -9.68 7.36 -17.68
C ILE D 243 -10.07 6.21 -18.64
N ALA D 244 -10.87 6.53 -19.69
CA ALA D 244 -11.11 5.61 -20.77
C ALA D 244 -9.87 5.01 -21.39
N GLU D 245 -8.78 5.78 -21.61
CA GLU D 245 -7.51 5.14 -22.04
C GLU D 245 -6.99 4.07 -21.08
N ALA D 246 -7.14 4.27 -19.76
CA ALA D 246 -6.63 3.23 -18.86
C ALA D 246 -7.57 2.01 -18.91
N MSE D 247 -8.88 2.26 -19.02
CA MSE D 247 -9.86 1.17 -19.20
C MSE D 247 -9.48 0.32 -20.46
O MSE D 247 -9.56 -0.94 -20.44
CB MSE D 247 -11.33 1.69 -19.38
CG MSE D 247 -11.86 2.63 -18.27
SE MSE D 247 -12.22 1.34 -16.78
CE MSE D 247 -13.30 2.53 -15.56
N LEU D 248 -9.16 1.00 -21.53
CA LEU D 248 -8.84 0.33 -22.80
C LEU D 248 -7.53 -0.49 -22.63
N PHE D 249 -6.55 0.08 -21.93
CA PHE D 249 -5.32 -0.67 -21.74
C PHE D 249 -5.61 -2.01 -20.97
N LEU D 250 -6.37 -1.92 -19.87
CA LEU D 250 -6.66 -3.13 -19.03
C LEU D 250 -7.63 -4.09 -19.78
N ALA D 251 -8.52 -3.55 -20.61
CA ALA D 251 -9.41 -4.47 -21.38
C ALA D 251 -8.69 -5.20 -22.48
N SER D 252 -7.63 -4.59 -23.04
CA SER D 252 -6.99 -5.10 -24.21
C SER D 252 -5.88 -6.07 -23.84
N ASP D 253 -5.39 -6.75 -24.88
CA ASP D 253 -4.25 -7.71 -24.76
C ASP D 253 -2.90 -7.07 -24.40
N ARG D 254 -2.78 -5.74 -24.47
CA ARG D 254 -1.56 -5.02 -24.02
C ARG D 254 -1.32 -5.13 -22.52
N SER D 255 -2.30 -5.62 -21.77
CA SER D 255 -2.11 -5.82 -20.31
C SER D 255 -2.40 -7.30 -19.98
N ARG D 256 -2.16 -8.18 -20.94
CA ARG D 256 -2.35 -9.62 -20.70
C ARG D 256 -1.74 -10.23 -19.41
N PHE D 257 -0.59 -9.71 -18.96
CA PHE D 257 0.07 -10.15 -17.73
C PHE D 257 -0.37 -9.36 -16.44
N ALA D 258 -1.44 -8.55 -16.50
CA ALA D 258 -1.80 -7.76 -15.32
C ALA D 258 -3.05 -8.37 -14.79
N THR D 259 -3.07 -8.75 -13.50
CA THR D 259 -4.33 -9.13 -12.91
C THR D 259 -4.24 -8.83 -11.40
N GLY D 260 -5.38 -8.49 -10.83
CA GLY D 260 -5.49 -8.10 -9.39
C GLY D 260 -4.88 -6.71 -9.12
N SER D 261 -4.65 -5.93 -10.19
CA SER D 261 -4.00 -4.63 -10.04
C SER D 261 -4.93 -3.47 -9.97
N ILE D 262 -4.41 -2.37 -9.43
CA ILE D 262 -5.11 -1.11 -9.42
C ILE D 262 -4.21 -0.16 -10.26
N LEU D 263 -4.75 0.48 -11.30
CA LEU D 263 -3.98 1.34 -12.20
C LEU D 263 -4.52 2.75 -11.91
N THR D 264 -3.67 3.60 -11.36
CA THR D 264 -4.10 4.86 -10.80
C THR D 264 -3.79 5.93 -11.85
N VAL D 265 -4.78 6.73 -12.15
CA VAL D 265 -4.68 7.84 -13.06
C VAL D 265 -5.29 9.08 -12.39
N ASP D 266 -4.52 9.76 -11.58
CA ASP D 266 -5.09 10.74 -10.68
C ASP D 266 -4.36 12.06 -10.54
N GLY D 267 -3.50 12.35 -11.49
CA GLY D 267 -2.64 13.50 -11.48
C GLY D 267 -1.74 13.66 -10.28
N GLY D 268 -1.42 12.54 -9.66
CA GLY D 268 -0.79 12.49 -8.39
C GLY D 268 -1.60 13.10 -7.26
N SER D 269 -2.79 12.63 -7.02
CA SER D 269 -3.64 13.06 -5.91
C SER D 269 -3.44 12.21 -4.68
N SER D 270 -2.87 11.03 -4.88
CA SER D 270 -2.71 10.07 -3.78
C SER D 270 -1.26 9.77 -3.42
N ILE D 271 -0.26 10.61 -3.83
CA ILE D 271 1.12 10.15 -3.65
C ILE D 271 1.90 10.87 -2.57
N GLY D 272 1.22 11.79 -1.91
CA GLY D 272 1.83 12.65 -0.90
C GLY D 272 1.21 14.02 -0.89
N ASN D 273 1.40 14.76 0.19
CA ASN D 273 0.71 16.02 0.32
C ASN D 273 1.58 17.20 -0.21
N HIS D 274 1.32 17.64 -1.43
CA HIS D 274 2.09 18.68 -2.12
C HIS D 274 1.63 20.07 -1.65
N LEU D 275 0.47 20.14 -1.04
CA LEU D 275 -0.02 21.37 -0.43
C LEU D 275 0.70 21.80 0.90
#